data_1H48
#
_entry.id   1H48
#
_cell.length_a   198.122
_cell.length_b   150.287
_cell.length_c   57.559
_cell.angle_alpha   90.00
_cell.angle_beta   106.52
_cell.angle_gamma   90.00
#
_symmetry.space_group_name_H-M   'C 1 2 1'
#
loop_
_entity.id
_entity.type
_entity.pdbx_description
1 polymer '2C-METHYL-D-ERYTHRITOL-2,4-CYCLODIPHOSPHATE SYNTHASE'
2 non-polymer '2C-METHYL-D-ERYTHRITOL 2,4-CYCLODIPHOSPHATE'
3 non-polymer 'ZINC ION'
4 non-polymer "CYTIDINE-5'-MONOPHOSPHATE"
5 non-polymer 'MANGANESE (II) ION'
6 non-polymer 'GERANYL DIPHOSPHATE'
7 water water
#
_entity_poly.entity_id   1
_entity_poly.type   'polypeptide(L)'
_entity_poly.pdbx_seq_one_letter_code
;LEMRIGHGFDVHAFGGEGPIIIGGVRIPYEKGLLAHSDGDVALHALTDALLGAAALGDIGKLFPDTDPAFKGADSRELLR
EAWRRIQAKGYTLGNVDVTIIAQAPKMLPHIPQMRVFIAEDLGCHMDDVNVKATTTEKLGFTGRGEGIACEAVALLIKAT
K
;
_entity_poly.pdbx_strand_id   A,B,C,D,E,F
#
# COMPACT_ATOMS: atom_id res chain seq x y z
N GLU A 2 -4.59 -31.94 -25.36
CA GLU A 2 -3.68 -30.73 -25.44
C GLU A 2 -4.45 -29.39 -25.54
N MET A 3 -4.07 -28.42 -24.71
CA MET A 3 -4.62 -27.07 -24.85
C MET A 3 -3.54 -26.06 -25.15
N ARG A 4 -3.80 -25.18 -26.12
CA ARG A 4 -2.79 -24.24 -26.58
C ARG A 4 -3.31 -22.81 -26.69
N ILE A 5 -2.52 -21.86 -26.20
CA ILE A 5 -2.87 -20.46 -26.27
C ILE A 5 -2.06 -19.66 -27.28
N GLY A 6 -2.67 -18.58 -27.78
CA GLY A 6 -2.05 -17.68 -28.73
C GLY A 6 -2.49 -16.24 -28.46
N HIS A 7 -1.69 -15.31 -28.96
CA HIS A 7 -1.87 -13.87 -28.77
C HIS A 7 -1.51 -13.14 -30.05
N GLY A 8 -2.38 -12.22 -30.45
CA GLY A 8 -2.18 -11.48 -31.69
C GLY A 8 -2.37 -10.01 -31.41
N PHE A 9 -1.79 -9.18 -32.28
CA PHE A 9 -1.82 -7.75 -32.04
C PHE A 9 -1.66 -7.07 -33.37
N ASP A 10 -2.50 -6.08 -33.65
CA ASP A 10 -2.36 -5.39 -34.93
C ASP A 10 -2.73 -3.91 -34.83
N VAL A 11 -2.23 -3.11 -35.77
CA VAL A 11 -2.45 -1.66 -35.79
C VAL A 11 -2.60 -1.22 -37.25
N HIS A 12 -3.61 -0.41 -37.53
CA HIS A 12 -3.67 0.29 -38.82
C HIS A 12 -3.89 1.79 -38.62
N ALA A 13 -3.30 2.58 -39.51
CA ALA A 13 -3.43 4.03 -39.48
C ALA A 13 -4.71 4.44 -40.18
N PHE A 14 -5.36 5.50 -39.71
CA PHE A 14 -6.48 6.08 -40.47
C PHE A 14 -5.96 6.79 -41.71
N GLY A 15 -6.77 6.75 -42.77
CA GLY A 15 -6.46 7.51 -43.96
C GLY A 15 -7.47 7.29 -45.05
N GLY A 16 -7.58 8.25 -45.96
CA GLY A 16 -8.57 8.18 -47.02
C GLY A 16 -9.94 8.33 -46.43
N GLU A 17 -10.93 7.71 -47.08
CA GLU A 17 -12.32 7.94 -46.72
C GLU A 17 -12.90 6.67 -46.12
N GLY A 18 -13.83 6.86 -45.20
CA GLY A 18 -14.56 5.76 -44.59
C GLY A 18 -15.37 5.07 -45.67
N PRO A 19 -16.05 3.97 -45.36
CA PRO A 19 -16.11 3.40 -44.01
C PRO A 19 -14.89 2.51 -43.64
N ILE A 20 -14.81 2.07 -42.38
CA ILE A 20 -13.80 1.12 -41.98
C ILE A 20 -14.45 -0.25 -41.88
N ILE A 21 -13.63 -1.29 -42.06
CA ILE A 21 -14.09 -2.66 -41.90
C ILE A 21 -13.42 -3.25 -40.65
N ILE A 22 -14.25 -3.62 -39.67
CA ILE A 22 -13.74 -4.18 -38.43
C ILE A 22 -14.54 -5.40 -38.06
N GLY A 23 -13.85 -6.51 -37.83
CA GLY A 23 -14.53 -7.75 -37.54
C GLY A 23 -15.40 -8.17 -38.70
N GLY A 24 -15.04 -7.79 -39.93
CA GLY A 24 -15.89 -8.09 -41.09
C GLY A 24 -17.03 -7.10 -41.36
N VAL A 25 -17.22 -6.12 -40.47
CA VAL A 25 -18.38 -5.23 -40.52
C VAL A 25 -18.00 -3.86 -41.07
N ARG A 26 -18.75 -3.37 -42.04
CA ARG A 26 -18.59 -2.00 -42.53
C ARG A 26 -19.19 -1.01 -41.52
N ILE A 27 -18.34 -0.19 -40.91
CA ILE A 27 -18.75 0.79 -39.89
C ILE A 27 -18.52 2.19 -40.45
N PRO A 28 -19.54 3.06 -40.44
CA PRO A 28 -19.37 4.42 -40.98
C PRO A 28 -18.41 5.24 -40.16
N TYR A 29 -17.54 5.93 -40.86
CA TYR A 29 -16.57 6.80 -40.21
C TYR A 29 -16.03 7.83 -41.18
N GLU A 30 -15.63 8.97 -40.66
CA GLU A 30 -15.09 10.08 -41.44
C GLU A 30 -13.84 9.64 -42.15
N LYS A 31 -13.13 8.64 -41.61
CA LYS A 31 -11.87 8.21 -42.20
C LYS A 31 -11.88 6.73 -42.51
N GLY A 32 -11.04 6.30 -43.44
CA GLY A 32 -10.84 4.88 -43.68
C GLY A 32 -9.58 4.38 -42.98
N LEU A 33 -9.25 3.11 -43.19
CA LEU A 33 -8.00 2.53 -42.67
C LEU A 33 -7.04 2.20 -43.82
N LEU A 34 -5.84 2.77 -43.76
CA LEU A 34 -4.77 2.50 -44.72
C LEU A 34 -4.24 1.07 -44.62
N ALA A 35 -4.30 0.33 -45.73
CA ALA A 35 -3.84 -1.06 -45.71
C ALA A 35 -3.61 -1.67 -47.07
N HIS A 36 -2.67 -2.62 -47.11
CA HIS A 36 -2.53 -3.53 -48.25
C HIS A 36 -3.82 -4.35 -48.52
N SER A 37 -4.38 -4.98 -47.46
CA SER A 37 -5.66 -5.68 -47.54
C SER A 37 -6.80 -4.69 -47.31
N ASP A 38 -7.97 -5.21 -46.90
CA ASP A 38 -9.12 -4.37 -46.50
C ASP A 38 -8.94 -3.62 -45.17
N GLY A 39 -7.86 -3.90 -44.45
CA GLY A 39 -7.54 -3.12 -43.26
C GLY A 39 -8.20 -3.58 -41.97
N ASP A 40 -8.75 -4.78 -41.98
CA ASP A 40 -9.47 -5.26 -40.82
C ASP A 40 -8.53 -5.64 -39.65
N VAL A 41 -8.25 -4.68 -38.77
CA VAL A 41 -7.31 -4.84 -37.66
C VAL A 41 -7.75 -5.94 -36.73
N ALA A 42 -9.05 -6.05 -36.49
CA ALA A 42 -9.57 -7.02 -35.57
C ALA A 42 -9.32 -8.43 -36.09
N LEU A 43 -9.62 -8.67 -37.36
CA LEU A 43 -9.45 -10.01 -37.92
C LEU A 43 -7.98 -10.42 -38.10
N HIS A 44 -7.11 -9.46 -38.45
CA HIS A 44 -5.66 -9.70 -38.47
C HIS A 44 -5.14 -10.12 -37.11
N ALA A 45 -5.56 -9.43 -36.05
CA ALA A 45 -5.05 -9.77 -34.72
C ALA A 45 -5.54 -11.15 -34.29
N LEU A 46 -6.78 -11.46 -34.65
CA LEU A 46 -7.40 -12.74 -34.31
C LEU A 46 -6.65 -13.87 -35.05
N THR A 47 -6.40 -13.67 -36.34
CA THR A 47 -5.69 -14.63 -37.16
C THR A 47 -4.30 -14.89 -36.57
N ASP A 48 -3.59 -13.83 -36.21
CA ASP A 48 -2.31 -13.97 -35.52
C ASP A 48 -2.42 -14.79 -34.24
N ALA A 49 -3.45 -14.54 -33.43
CA ALA A 49 -3.64 -15.29 -32.19
C ALA A 49 -3.89 -16.79 -32.45
N LEU A 50 -4.67 -17.10 -33.51
CA LEU A 50 -4.98 -18.49 -33.87
C LEU A 50 -3.71 -19.21 -34.42
N LEU A 51 -3.00 -18.55 -35.32
CA LEU A 51 -1.76 -19.07 -35.90
C LEU A 51 -0.70 -19.25 -34.81
N GLY A 52 -0.66 -18.31 -33.86
CA GLY A 52 0.27 -18.37 -32.74
C GLY A 52 0.04 -19.58 -31.85
N ALA A 53 -1.20 -19.83 -31.47
CA ALA A 53 -1.56 -21.00 -30.68
C ALA A 53 -1.21 -22.34 -31.39
N ALA A 54 -1.26 -22.35 -32.71
CA ALA A 54 -0.94 -23.55 -33.46
C ALA A 54 0.55 -23.55 -33.88
N ALA A 55 1.34 -22.61 -33.37
CA ALA A 55 2.75 -22.47 -33.77
C ALA A 55 2.93 -22.49 -35.29
N LEU A 56 2.06 -21.78 -36.01
CA LEU A 56 2.20 -21.67 -37.45
C LEU A 56 2.76 -20.31 -37.86
N GLY A 57 3.22 -19.52 -36.91
CA GLY A 57 3.80 -18.22 -37.23
C GLY A 57 2.88 -17.01 -37.06
N ASP A 58 2.55 -16.35 -38.18
CA ASP A 58 1.72 -15.12 -38.19
C ASP A 58 1.21 -14.80 -39.60
N ILE A 59 0.27 -13.87 -39.73
CA ILE A 59 -0.29 -13.52 -41.04
C ILE A 59 0.79 -13.17 -42.06
N GLY A 60 1.81 -12.43 -41.62
CA GLY A 60 2.92 -12.01 -42.47
C GLY A 60 3.71 -13.16 -43.04
N LYS A 61 3.89 -14.22 -42.25
CA LYS A 61 4.49 -15.45 -42.78
C LYS A 61 3.57 -16.00 -43.88
N LEU A 62 2.37 -16.44 -43.49
CA LEU A 62 1.42 -17.09 -44.40
C LEU A 62 0.97 -16.29 -45.61
N PHE A 63 0.82 -14.98 -45.45
CA PHE A 63 0.30 -14.10 -46.52
C PHE A 63 1.05 -12.76 -46.60
N PRO A 64 2.18 -12.73 -47.34
CA PRO A 64 3.09 -11.57 -47.30
C PRO A 64 2.49 -10.25 -47.80
N ASP A 65 2.84 -9.16 -47.12
CA ASP A 65 2.48 -7.80 -47.54
C ASP A 65 3.05 -7.41 -48.90
N THR A 66 3.89 -8.28 -49.46
CA THR A 66 4.57 -8.04 -50.74
C THR A 66 3.91 -8.76 -51.92
N ASP A 67 3.09 -9.77 -51.63
CA ASP A 67 2.37 -10.53 -52.67
C ASP A 67 1.14 -9.72 -53.16
N PRO A 68 1.07 -9.46 -54.46
CA PRO A 68 -0.11 -8.79 -55.06
C PRO A 68 -1.41 -9.65 -55.12
N ALA A 69 -1.36 -10.93 -54.73
CA ALA A 69 -2.57 -11.76 -54.63
C ALA A 69 -3.50 -11.32 -53.49
N PHE A 70 -2.91 -10.69 -52.47
CA PHE A 70 -3.63 -10.29 -51.25
C PHE A 70 -3.89 -8.77 -51.15
N LYS A 71 -3.63 -8.03 -52.22
CA LYS A 71 -3.94 -6.60 -52.25
C LYS A 71 -5.45 -6.40 -52.32
N GLY A 72 -5.98 -5.60 -51.40
CA GLY A 72 -7.41 -5.38 -51.27
C GLY A 72 -8.16 -6.58 -50.69
N ALA A 73 -7.42 -7.59 -50.20
CA ALA A 73 -8.01 -8.87 -49.79
C ALA A 73 -9.04 -8.77 -48.67
N ASP A 74 -10.04 -9.65 -48.76
CA ASP A 74 -11.02 -9.82 -47.72
C ASP A 74 -10.29 -10.56 -46.59
N SER A 75 -10.12 -9.86 -45.48
CA SER A 75 -9.47 -10.41 -44.30
C SER A 75 -10.20 -11.62 -43.75
N ARG A 76 -11.47 -11.76 -44.08
CA ARG A 76 -12.21 -12.96 -43.71
C ARG A 76 -11.74 -14.19 -44.49
N GLU A 77 -11.37 -14.01 -45.77
CA GLU A 77 -10.80 -15.08 -46.60
C GLU A 77 -9.54 -15.58 -45.95
N LEU A 78 -8.64 -14.65 -45.62
CA LEU A 78 -7.41 -14.93 -44.88
C LEU A 78 -7.67 -15.68 -43.56
N LEU A 79 -8.66 -15.20 -42.80
CA LEU A 79 -9.03 -15.86 -41.55
C LEU A 79 -9.43 -17.33 -41.84
N ARG A 80 -10.28 -17.53 -42.85
CA ARG A 80 -10.76 -18.87 -43.19
C ARG A 80 -9.62 -19.77 -43.72
N GLU A 81 -8.74 -19.22 -44.54
CA GLU A 81 -7.55 -19.95 -44.98
C GLU A 81 -6.64 -20.30 -43.77
N ALA A 82 -6.38 -19.34 -42.87
CA ALA A 82 -5.57 -19.65 -41.70
C ALA A 82 -6.23 -20.77 -40.90
N TRP A 83 -7.55 -20.69 -40.75
CA TRP A 83 -8.27 -21.67 -39.96
C TRP A 83 -8.22 -23.12 -40.56
N ARG A 84 -8.31 -23.22 -41.89
CA ARG A 84 -8.20 -24.52 -42.58
C ARG A 84 -6.85 -25.18 -42.32
N ARG A 85 -5.79 -24.38 -42.30
CA ARG A 85 -4.43 -24.81 -42.05
C ARG A 85 -4.19 -25.15 -40.59
N ILE A 86 -4.88 -24.47 -39.69
CA ILE A 86 -4.83 -24.84 -38.29
C ILE A 86 -5.54 -26.18 -38.08
N GLN A 87 -6.72 -26.31 -38.65
CA GLN A 87 -7.48 -27.54 -38.53
C GLN A 87 -6.74 -28.72 -39.18
N ALA A 88 -6.04 -28.48 -40.27
CA ALA A 88 -5.31 -29.54 -40.96
C ALA A 88 -4.27 -30.18 -40.03
N LYS A 89 -3.75 -29.40 -39.09
CA LYS A 89 -2.84 -29.87 -38.05
C LYS A 89 -3.53 -30.53 -36.87
N GLY A 90 -4.85 -30.65 -36.92
CA GLY A 90 -5.59 -31.40 -35.92
C GLY A 90 -6.19 -30.56 -34.79
N TYR A 91 -6.26 -29.25 -34.99
CA TYR A 91 -6.78 -28.37 -33.96
C TYR A 91 -8.26 -28.06 -34.11
N THR A 92 -8.87 -27.80 -32.97
CA THR A 92 -10.27 -27.52 -32.82
C THR A 92 -10.33 -26.27 -31.93
N LEU A 93 -11.40 -25.48 -32.05
CA LEU A 93 -11.52 -24.24 -31.31
C LEU A 93 -11.98 -24.46 -29.90
N GLY A 94 -11.27 -23.82 -28.98
CA GLY A 94 -11.74 -23.62 -27.63
C GLY A 94 -12.54 -22.33 -27.57
N ASN A 95 -11.85 -21.19 -27.55
CA ASN A 95 -12.55 -19.90 -27.52
C ASN A 95 -11.63 -18.82 -28.01
N VAL A 96 -12.22 -17.69 -28.42
CA VAL A 96 -11.43 -16.51 -28.75
C VAL A 96 -12.01 -15.28 -28.07
N ASP A 97 -11.15 -14.29 -27.88
CA ASP A 97 -11.52 -13.07 -27.19
C ASP A 97 -10.69 -11.98 -27.82
N VAL A 98 -11.39 -10.93 -28.28
CA VAL A 98 -10.81 -9.87 -29.08
C VAL A 98 -11.03 -8.55 -28.37
N THR A 99 -10.04 -7.67 -28.44
CA THR A 99 -10.10 -6.37 -27.78
C THR A 99 -9.76 -5.29 -28.81
N ILE A 100 -10.75 -4.50 -29.22
CA ILE A 100 -10.53 -3.40 -30.17
C ILE A 100 -10.18 -2.19 -29.35
N ILE A 101 -9.08 -1.54 -29.72
CA ILE A 101 -8.66 -0.34 -29.00
C ILE A 101 -8.76 0.87 -29.92
N ALA A 102 -9.71 1.75 -29.62
CA ALA A 102 -10.08 2.82 -30.55
C ALA A 102 -10.80 3.95 -29.84
N GLN A 103 -10.43 5.17 -30.17
CA GLN A 103 -11.14 6.32 -29.61
C GLN A 103 -12.52 6.41 -30.22
N ALA A 104 -12.62 6.04 -31.50
CA ALA A 104 -13.85 6.13 -32.29
C ALA A 104 -13.53 5.38 -33.60
N PRO A 105 -14.52 4.95 -34.36
CA PRO A 105 -15.94 5.09 -34.02
C PRO A 105 -16.37 4.15 -32.91
N LYS A 106 -17.62 4.28 -32.52
CA LYS A 106 -18.24 3.45 -31.52
C LYS A 106 -18.36 2.01 -32.07
N MET A 107 -17.88 1.03 -31.33
CA MET A 107 -17.80 -0.34 -31.80
C MET A 107 -18.97 -1.19 -31.31
N LEU A 108 -19.43 -0.91 -30.09
CA LEU A 108 -20.43 -1.76 -29.45
C LEU A 108 -21.65 -2.14 -30.33
N PRO A 109 -22.23 -1.20 -31.10
CA PRO A 109 -23.42 -1.55 -31.90
C PRO A 109 -23.16 -2.70 -32.87
N HIS A 110 -21.90 -2.82 -33.29
CA HIS A 110 -21.50 -3.71 -34.36
C HIS A 110 -20.99 -5.06 -33.89
N ILE A 111 -20.76 -5.17 -32.59
CA ILE A 111 -20.10 -6.35 -32.06
C ILE A 111 -20.92 -7.63 -32.30
N PRO A 112 -22.24 -7.59 -32.11
CA PRO A 112 -23.06 -8.76 -32.47
C PRO A 112 -22.86 -9.27 -33.91
N GLN A 113 -22.81 -8.39 -34.90
CA GLN A 113 -22.57 -8.85 -36.27
C GLN A 113 -21.14 -9.37 -36.43
N MET A 114 -20.18 -8.75 -35.73
CA MET A 114 -18.77 -9.22 -35.78
C MET A 114 -18.69 -10.67 -35.33
N ARG A 115 -19.41 -10.99 -34.26
CA ARG A 115 -19.36 -12.30 -33.67
C ARG A 115 -20.06 -13.27 -34.58
N VAL A 116 -21.10 -12.81 -35.27
CA VAL A 116 -21.78 -13.65 -36.25
C VAL A 116 -20.75 -14.06 -37.30
N PHE A 117 -20.04 -13.07 -37.84
CA PHE A 117 -19.07 -13.30 -38.90
C PHE A 117 -17.93 -14.24 -38.48
N ILE A 118 -17.40 -14.04 -37.26
CA ILE A 118 -16.25 -14.79 -36.81
C ILE A 118 -16.67 -16.22 -36.44
N ALA A 119 -17.80 -16.36 -35.77
CA ALA A 119 -18.34 -17.71 -35.51
C ALA A 119 -18.49 -18.48 -36.82
N GLU A 120 -19.09 -17.81 -37.88
CA GLU A 120 -19.28 -18.47 -39.18
C GLU A 120 -17.93 -18.86 -39.76
N ASP A 121 -16.94 -17.96 -39.80
CA ASP A 121 -15.63 -18.21 -40.36
C ASP A 121 -14.84 -19.34 -39.66
N LEU A 122 -15.12 -19.57 -38.38
CA LEU A 122 -14.44 -20.58 -37.61
C LEU A 122 -15.32 -21.81 -37.35
N GLY A 123 -16.49 -21.83 -37.99
CA GLY A 123 -17.43 -22.93 -37.87
C GLY A 123 -17.68 -23.31 -36.42
N CYS A 124 -17.81 -22.27 -35.59
CA CYS A 124 -18.05 -22.54 -34.18
C CYS A 124 -19.33 -21.87 -33.68
N HIS A 125 -19.73 -22.09 -32.41
CA HIS A 125 -20.83 -21.37 -31.75
C HIS A 125 -20.41 -19.92 -31.44
N MET A 126 -21.37 -19.01 -31.50
CA MET A 126 -21.16 -17.62 -31.13
C MET A 126 -20.64 -17.52 -29.68
N ASP A 127 -21.13 -18.51 -28.82
CA ASP A 127 -20.72 -18.54 -27.43
C ASP A 127 -19.18 -18.76 -27.23
N ASP A 128 -18.42 -19.11 -28.30
CA ASP A 128 -16.98 -19.29 -28.21
C ASP A 128 -16.21 -18.07 -28.73
N VAL A 129 -16.95 -17.00 -29.07
CA VAL A 129 -16.36 -15.81 -29.64
C VAL A 129 -16.76 -14.59 -28.83
N ASN A 130 -15.79 -13.90 -28.25
CA ASN A 130 -16.08 -12.64 -27.59
C ASN A 130 -15.32 -11.53 -28.28
N VAL A 131 -15.97 -10.36 -28.40
CA VAL A 131 -15.35 -9.16 -28.91
C VAL A 131 -15.69 -8.03 -27.96
N LYS A 132 -14.69 -7.19 -27.69
CA LYS A 132 -14.94 -6.00 -26.92
C LYS A 132 -14.13 -4.81 -27.42
N ALA A 133 -14.44 -3.65 -26.84
CA ALA A 133 -13.80 -2.39 -27.21
C ALA A 133 -13.49 -1.52 -26.01
N THR A 134 -12.43 -0.72 -26.13
CA THR A 134 -12.10 0.24 -25.10
C THR A 134 -11.37 1.37 -25.77
N THR A 135 -11.45 2.58 -25.18
CA THR A 135 -10.68 3.72 -25.63
C THR A 135 -9.46 3.83 -24.77
N THR A 136 -8.50 4.66 -25.18
CA THR A 136 -7.38 4.99 -24.32
C THR A 136 -7.51 6.43 -23.83
N GLU A 137 -8.75 6.90 -23.71
CA GLU A 137 -9.06 8.20 -23.10
C GLU A 137 -8.21 9.33 -23.68
N LYS A 138 -8.15 9.39 -25.01
CA LYS A 138 -7.41 10.43 -25.75
C LYS A 138 -5.88 10.34 -25.64
N LEU A 139 -5.37 9.31 -24.97
CA LEU A 139 -3.92 9.11 -24.88
C LEU A 139 -3.41 8.22 -25.99
N GLY A 140 -2.19 8.52 -26.45
CA GLY A 140 -1.49 7.69 -27.42
C GLY A 140 -2.03 7.89 -28.82
N PHE A 141 -1.50 7.14 -29.79
CA PHE A 141 -1.94 7.27 -31.17
C PHE A 141 -3.39 6.86 -31.40
N THR A 142 -3.94 5.96 -30.59
CA THR A 142 -5.37 5.63 -30.72
C THR A 142 -6.19 6.78 -30.15
N GLY A 143 -5.74 7.33 -29.02
CA GLY A 143 -6.41 8.43 -28.36
C GLY A 143 -6.45 9.67 -29.22
N ARG A 144 -5.37 9.96 -29.95
CA ARG A 144 -5.30 11.12 -30.84
C ARG A 144 -6.01 10.90 -32.18
N GLY A 145 -6.63 9.74 -32.39
CA GLY A 145 -7.32 9.46 -33.63
C GLY A 145 -6.42 9.14 -34.83
N GLU A 146 -5.19 8.66 -34.57
CA GLU A 146 -4.24 8.35 -35.66
C GLU A 146 -4.44 6.93 -36.21
N GLY A 147 -5.03 6.06 -35.40
CA GLY A 147 -5.25 4.70 -35.83
C GLY A 147 -6.02 3.88 -34.84
N ILE A 148 -6.12 2.59 -35.14
CA ILE A 148 -6.82 1.65 -34.28
C ILE A 148 -5.92 0.47 -34.02
N ALA A 149 -5.91 0.02 -32.77
CA ALA A 149 -5.15 -1.17 -32.38
C ALA A 149 -6.14 -2.26 -32.02
N CYS A 150 -5.72 -3.53 -32.14
CA CYS A 150 -6.55 -4.65 -31.68
C CYS A 150 -5.66 -5.74 -31.14
N GLU A 151 -6.06 -6.41 -30.03
CA GLU A 151 -5.46 -7.63 -29.54
C GLU A 151 -6.45 -8.75 -29.60
N ALA A 152 -5.93 -9.97 -29.57
CA ALA A 152 -6.77 -11.14 -29.45
C ALA A 152 -5.99 -12.22 -28.71
N VAL A 153 -6.73 -13.05 -27.98
CA VAL A 153 -6.20 -14.32 -27.50
C VAL A 153 -7.06 -15.44 -28.05
N ALA A 154 -6.46 -16.61 -28.16
CA ALA A 154 -7.12 -17.79 -28.65
C ALA A 154 -6.67 -19.01 -27.84
N LEU A 155 -7.63 -19.86 -27.51
CA LEU A 155 -7.35 -21.14 -26.92
C LEU A 155 -7.74 -22.24 -27.91
N LEU A 156 -6.77 -23.09 -28.25
CA LEU A 156 -7.03 -24.22 -29.16
C LEU A 156 -6.97 -25.55 -28.41
N ILE A 157 -7.66 -26.55 -28.94
CA ILE A 157 -7.71 -27.88 -28.33
C ILE A 157 -7.13 -28.93 -29.26
N LYS A 158 -6.26 -29.77 -28.69
CA LYS A 158 -5.76 -31.03 -29.28
C LYS A 158 -4.93 -30.82 -30.52
N LEU B 1 -2.84 -32.16 -14.68
CA LEU B 1 -4.23 -31.81 -14.26
C LEU B 1 -4.50 -30.30 -14.40
N GLU B 2 -3.74 -29.48 -13.66
CA GLU B 2 -3.92 -28.03 -13.62
C GLU B 2 -3.20 -27.28 -14.76
N MET B 3 -3.91 -26.31 -15.35
CA MET B 3 -3.34 -25.45 -16.40
C MET B 3 -3.39 -24.00 -15.99
N ARG B 4 -2.33 -23.26 -16.28
CA ARG B 4 -2.23 -21.89 -15.83
C ARG B 4 -1.75 -20.95 -16.93
N ILE B 5 -2.35 -19.77 -16.98
CA ILE B 5 -2.02 -18.74 -17.96
C ILE B 5 -1.13 -17.62 -17.37
N GLY B 6 -0.21 -17.10 -18.20
CA GLY B 6 0.68 -16.00 -17.84
C GLY B 6 0.79 -14.98 -18.98
N HIS B 7 1.12 -13.74 -18.63
CA HIS B 7 1.25 -12.66 -19.60
C HIS B 7 2.45 -11.76 -19.24
N GLY B 8 3.21 -11.34 -20.25
CA GLY B 8 4.36 -10.48 -20.01
C GLY B 8 4.46 -9.39 -21.06
N PHE B 9 5.01 -8.26 -20.68
CA PHE B 9 5.10 -7.15 -21.58
C PHE B 9 6.37 -6.40 -21.24
N ASP B 10 7.11 -6.00 -22.24
CA ASP B 10 8.35 -5.29 -21.96
C ASP B 10 8.66 -4.32 -23.08
N VAL B 11 9.36 -3.25 -22.72
CA VAL B 11 9.75 -2.21 -23.66
C VAL B 11 11.21 -1.82 -23.40
N HIS B 12 11.98 -1.66 -24.48
CA HIS B 12 13.28 -0.97 -24.35
C HIS B 12 13.40 0.14 -25.37
N ALA B 13 14.09 1.21 -24.99
CA ALA B 13 14.36 2.32 -25.89
C ALA B 13 15.63 2.05 -26.68
N PHE B 14 15.64 2.47 -27.95
CA PHE B 14 16.86 2.43 -28.78
C PHE B 14 17.89 3.41 -28.21
N GLY B 15 19.16 3.17 -28.50
CA GLY B 15 20.23 4.02 -28.01
C GLY B 15 21.58 3.36 -28.24
N GLY B 16 22.60 4.17 -28.51
CA GLY B 16 23.94 3.66 -28.78
C GLY B 16 24.00 2.91 -30.10
N GLU B 17 24.91 1.96 -30.20
CA GLU B 17 25.13 1.27 -31.48
C GLU B 17 24.57 -0.15 -31.47
N GLY B 18 24.17 -0.64 -32.64
CA GLY B 18 23.79 -2.03 -32.82
C GLY B 18 24.94 -2.98 -32.49
N PRO B 19 24.70 -4.28 -32.60
CA PRO B 19 23.43 -4.85 -33.05
C PRO B 19 22.42 -4.93 -31.89
N ILE B 20 21.25 -5.50 -32.14
CA ILE B 20 20.34 -5.81 -31.03
C ILE B 20 20.22 -7.30 -30.82
N ILE B 21 19.98 -7.71 -29.58
CA ILE B 21 19.70 -9.11 -29.30
C ILE B 21 18.21 -9.30 -28.99
N ILE B 22 17.53 -10.06 -29.84
CA ILE B 22 16.11 -10.34 -29.68
C ILE B 22 15.91 -11.84 -29.78
N GLY B 23 15.26 -12.41 -28.77
CA GLY B 23 15.07 -13.84 -28.70
C GLY B 23 16.40 -14.58 -28.75
N GLY B 24 17.43 -13.96 -28.18
CA GLY B 24 18.78 -14.54 -28.19
C GLY B 24 19.58 -14.37 -29.49
N VAL B 25 18.95 -13.82 -30.53
CA VAL B 25 19.58 -13.70 -31.85
C VAL B 25 20.21 -12.33 -32.04
N ARG B 26 21.47 -12.31 -32.49
CA ARG B 26 22.14 -11.07 -32.82
C ARG B 26 21.57 -10.59 -34.13
N ILE B 27 20.95 -9.42 -34.14
CA ILE B 27 20.31 -8.91 -35.34
C ILE B 27 21.00 -7.60 -35.67
N PRO B 28 21.50 -7.45 -36.89
CA PRO B 28 22.20 -6.20 -37.27
C PRO B 28 21.21 -5.03 -37.33
N TYR B 29 21.58 -3.93 -36.72
CA TYR B 29 20.78 -2.72 -36.79
C TYR B 29 21.68 -1.52 -36.52
N GLU B 30 21.28 -0.36 -37.00
CA GLU B 30 22.08 0.85 -36.81
C GLU B 30 22.07 1.35 -35.37
N LYS B 31 21.10 0.88 -34.57
CA LYS B 31 21.00 1.29 -33.17
C LYS B 31 20.98 0.05 -32.28
N GLY B 32 21.42 0.21 -31.03
CA GLY B 32 21.27 -0.83 -30.04
C GLY B 32 20.04 -0.53 -29.17
N LEU B 33 19.85 -1.34 -28.13
CA LEU B 33 18.81 -1.07 -27.16
C LEU B 33 19.44 -0.72 -25.82
N LEU B 34 18.90 0.28 -25.15
CA LEU B 34 19.35 0.67 -23.82
C LEU B 34 18.77 -0.29 -22.81
N ALA B 35 19.65 -0.88 -22.00
CA ALA B 35 19.26 -1.80 -20.94
C ALA B 35 20.37 -2.00 -19.92
N HIS B 36 19.98 -2.39 -18.71
CA HIS B 36 20.96 -2.88 -17.73
C HIS B 36 21.56 -4.23 -18.18
N SER B 37 20.70 -5.15 -18.61
CA SER B 37 21.12 -6.42 -19.22
C SER B 37 21.49 -6.22 -20.70
N ASP B 38 21.54 -7.31 -21.48
CA ASP B 38 21.74 -7.24 -22.93
C ASP B 38 20.55 -6.62 -23.70
N GLY B 39 19.42 -6.39 -23.02
CA GLY B 39 18.30 -5.71 -23.63
C GLY B 39 17.33 -6.57 -24.44
N ASP B 40 17.34 -7.87 -24.18
CA ASP B 40 16.49 -8.77 -24.97
C ASP B 40 15.01 -8.66 -24.54
N VAL B 41 14.30 -7.68 -25.12
CA VAL B 41 12.91 -7.41 -24.79
C VAL B 41 12.04 -8.64 -24.94
N ALA B 42 12.31 -9.46 -25.96
CA ALA B 42 11.48 -10.62 -26.27
C ALA B 42 11.58 -11.64 -25.16
N LEU B 43 12.80 -11.83 -24.66
CA LEU B 43 13.04 -12.83 -23.61
C LEU B 43 12.55 -12.33 -22.25
N HIS B 44 12.73 -11.03 -22.00
CA HIS B 44 12.18 -10.42 -20.81
C HIS B 44 10.65 -10.56 -20.74
N ALA B 45 9.95 -10.30 -21.83
CA ALA B 45 8.48 -10.44 -21.81
C ALA B 45 8.07 -11.91 -21.65
N LEU B 46 8.77 -12.82 -22.32
CA LEU B 46 8.54 -14.27 -22.17
C LEU B 46 8.72 -14.74 -20.71
N THR B 47 9.82 -14.31 -20.10
CA THR B 47 10.16 -14.64 -18.73
C THR B 47 9.05 -14.18 -17.79
N ASP B 48 8.63 -12.93 -17.95
CA ASP B 48 7.54 -12.36 -17.17
C ASP B 48 6.26 -13.16 -17.34
N ALA B 49 5.95 -13.59 -18.56
CA ALA B 49 4.79 -14.44 -18.78
C ALA B 49 4.89 -15.79 -18.07
N LEU B 50 6.06 -16.44 -18.13
CA LEU B 50 6.26 -17.72 -17.45
C LEU B 50 6.13 -17.60 -15.92
N LEU B 51 6.81 -16.62 -15.34
CA LEU B 51 6.73 -16.31 -13.91
C LEU B 51 5.29 -15.94 -13.45
N GLY B 52 4.59 -15.15 -14.27
CA GLY B 52 3.21 -14.76 -14.00
C GLY B 52 2.25 -15.94 -14.00
N ALA B 53 2.47 -16.90 -14.90
CA ALA B 53 1.65 -18.13 -14.92
C ALA B 53 1.87 -18.92 -13.65
N ALA B 54 3.11 -18.97 -13.20
CA ALA B 54 3.47 -19.69 -11.99
C ALA B 54 3.20 -18.85 -10.73
N ALA B 55 2.62 -17.67 -10.90
CA ALA B 55 2.36 -16.71 -9.81
C ALA B 55 3.60 -16.45 -8.93
N LEU B 56 4.74 -16.23 -9.59
CA LEU B 56 5.99 -15.92 -8.92
C LEU B 56 6.33 -14.44 -9.10
N GLY B 57 5.34 -13.64 -9.47
CA GLY B 57 5.52 -12.21 -9.63
C GLY B 57 6.08 -11.86 -11.00
N ASP B 58 7.38 -11.50 -11.03
CA ASP B 58 8.04 -11.06 -12.26
C ASP B 58 9.58 -11.08 -12.21
N ILE B 59 10.19 -10.75 -13.36
CA ILE B 59 11.64 -10.69 -13.54
C ILE B 59 12.36 -9.69 -12.62
N GLY B 60 11.70 -8.59 -12.26
CA GLY B 60 12.23 -7.69 -11.24
C GLY B 60 12.37 -8.39 -9.88
N LYS B 61 11.35 -9.16 -9.51
CA LYS B 61 11.31 -9.87 -8.22
C LYS B 61 12.31 -11.04 -8.20
N LEU B 62 13.25 -11.03 -9.13
CA LEU B 62 14.26 -12.09 -9.23
C LEU B 62 15.62 -11.53 -9.64
N PHE B 63 15.61 -10.54 -10.53
CA PHE B 63 16.83 -9.94 -11.07
C PHE B 63 16.71 -8.41 -11.16
N PRO B 64 16.93 -7.72 -10.04
CA PRO B 64 16.71 -6.27 -9.95
C PRO B 64 17.70 -5.39 -10.74
N ASP B 65 17.21 -4.23 -11.18
CA ASP B 65 18.01 -3.18 -11.82
C ASP B 65 19.23 -2.81 -10.95
N THR B 66 19.01 -2.85 -9.63
CA THR B 66 19.99 -2.45 -8.61
C THR B 66 21.29 -3.26 -8.70
N ASP B 67 21.18 -4.58 -8.56
CA ASP B 67 22.30 -5.52 -8.60
C ASP B 67 23.20 -5.28 -9.82
N PRO B 68 24.48 -5.02 -9.59
CA PRO B 68 25.47 -4.88 -10.67
C PRO B 68 25.98 -6.22 -11.22
N ALA B 69 25.47 -7.33 -10.69
CA ALA B 69 25.78 -8.66 -11.20
C ALA B 69 25.03 -8.95 -12.50
N PHE B 70 23.93 -8.23 -12.73
CA PHE B 70 23.12 -8.45 -13.92
C PHE B 70 23.42 -7.48 -15.08
N LYS B 71 24.54 -6.76 -14.97
CA LYS B 71 24.97 -5.81 -16.00
C LYS B 71 25.50 -6.54 -17.24
N GLY B 72 24.89 -6.30 -18.39
CA GLY B 72 25.25 -6.98 -19.62
C GLY B 72 24.88 -8.46 -19.66
N ALA B 73 24.06 -8.89 -18.69
CA ALA B 73 23.69 -10.30 -18.52
C ALA B 73 22.99 -10.86 -19.75
N ASP B 74 23.32 -12.10 -20.08
CA ASP B 74 22.65 -12.84 -21.11
C ASP B 74 21.23 -13.16 -20.62
N SER B 75 20.24 -12.52 -21.25
CA SER B 75 18.82 -12.75 -20.95
C SER B 75 18.40 -14.21 -21.02
N ARG B 76 19.12 -15.01 -21.79
CA ARG B 76 18.86 -16.44 -21.84
C ARG B 76 19.15 -17.12 -20.49
N GLU B 77 20.17 -16.63 -19.80
CA GLU B 77 20.56 -17.15 -18.49
C GLU B 77 19.47 -16.85 -17.50
N LEU B 78 18.96 -15.63 -17.53
CA LEU B 78 17.80 -15.24 -16.74
C LEU B 78 16.60 -16.12 -17.07
N LEU B 79 16.36 -16.37 -18.36
CA LEU B 79 15.25 -17.20 -18.78
C LEU B 79 15.37 -18.58 -18.16
N ARG B 80 16.53 -19.22 -18.36
CA ARG B 80 16.81 -20.57 -17.84
C ARG B 80 16.69 -20.67 -16.32
N GLU B 81 17.18 -19.66 -15.61
CA GLU B 81 17.07 -19.58 -14.16
C GLU B 81 15.63 -19.38 -13.67
N ALA B 82 14.85 -18.54 -14.33
CA ALA B 82 13.43 -18.42 -13.98
C ALA B 82 12.74 -19.75 -14.28
N TRP B 83 13.15 -20.40 -15.36
CA TRP B 83 12.54 -21.67 -15.73
C TRP B 83 12.85 -22.77 -14.70
N ARG B 84 14.05 -22.70 -14.11
CA ARG B 84 14.43 -23.64 -13.05
C ARG B 84 13.52 -23.47 -11.82
N ARG B 85 13.27 -22.23 -11.42
CA ARG B 85 12.43 -21.97 -10.25
C ARG B 85 10.97 -22.35 -10.46
N ILE B 86 10.51 -22.27 -11.72
CA ILE B 86 9.14 -22.62 -12.07
C ILE B 86 8.96 -24.14 -12.07
N GLN B 87 9.95 -24.83 -12.61
CA GLN B 87 10.00 -26.28 -12.55
C GLN B 87 10.15 -26.81 -11.12
N ALA B 88 10.92 -26.10 -10.28
CA ALA B 88 11.06 -26.45 -8.88
C ALA B 88 9.70 -26.47 -8.17
N LYS B 89 8.73 -25.72 -8.70
CA LYS B 89 7.39 -25.69 -8.15
C LYS B 89 6.41 -26.68 -8.77
N GLY B 90 6.88 -27.60 -9.62
CA GLY B 90 5.99 -28.59 -10.22
C GLY B 90 5.46 -28.35 -11.64
N TYR B 91 5.82 -27.24 -12.28
CA TYR B 91 5.21 -26.90 -13.57
C TYR B 91 6.01 -27.40 -14.72
N THR B 92 5.32 -27.87 -15.76
CA THR B 92 5.93 -28.13 -17.05
C THR B 92 5.24 -27.22 -18.07
N LEU B 93 5.85 -27.08 -19.25
CA LEU B 93 5.42 -26.17 -20.27
C LEU B 93 4.29 -26.75 -21.09
N GLY B 94 3.29 -25.91 -21.33
CA GLY B 94 2.26 -26.19 -22.30
C GLY B 94 2.72 -25.61 -23.61
N ASN B 95 2.64 -24.29 -23.77
CA ASN B 95 3.20 -23.64 -24.97
C ASN B 95 3.40 -22.18 -24.67
N VAL B 96 4.18 -21.50 -25.51
CA VAL B 96 4.40 -20.08 -25.39
C VAL B 96 4.20 -19.44 -26.77
N ASP B 97 3.78 -18.16 -26.76
CA ASP B 97 3.56 -17.36 -27.97
C ASP B 97 4.01 -15.96 -27.66
N VAL B 98 4.80 -15.39 -28.56
CA VAL B 98 5.52 -14.14 -28.30
C VAL B 98 5.26 -13.22 -29.50
N THR B 99 5.05 -11.93 -29.21
CA THR B 99 4.75 -10.95 -30.25
C THR B 99 5.72 -9.80 -30.10
N ILE B 100 6.57 -9.62 -31.10
CA ILE B 100 7.52 -8.52 -31.10
C ILE B 100 6.87 -7.37 -31.82
N ILE B 101 6.92 -6.18 -31.22
CA ILE B 101 6.33 -5.02 -31.84
C ILE B 101 7.44 -4.00 -32.11
N ALA B 102 7.67 -3.74 -33.40
CA ALA B 102 8.79 -2.92 -33.77
C ALA B 102 8.62 -2.52 -35.22
N GLN B 103 9.01 -1.31 -35.52
CA GLN B 103 8.99 -0.82 -36.91
C GLN B 103 10.17 -1.41 -37.70
N ALA B 104 11.27 -1.70 -37.03
CA ALA B 104 12.50 -2.15 -37.67
C ALA B 104 13.43 -2.51 -36.53
N PRO B 105 14.43 -3.39 -36.75
CA PRO B 105 14.65 -4.11 -38.00
C PRO B 105 13.62 -5.20 -38.27
N LYS B 106 13.71 -5.85 -39.44
CA LYS B 106 12.86 -6.97 -39.79
C LYS B 106 13.21 -8.14 -38.90
N MET B 107 12.18 -8.76 -38.32
CA MET B 107 12.36 -9.81 -37.36
C MET B 107 12.13 -11.18 -37.96
N LEU B 108 11.33 -11.23 -39.01
CA LEU B 108 10.91 -12.52 -39.57
C LEU B 108 12.02 -13.51 -39.98
N PRO B 109 13.15 -13.05 -40.54
CA PRO B 109 14.20 -14.01 -40.93
C PRO B 109 14.83 -14.63 -39.69
N HIS B 110 14.70 -13.96 -38.55
CA HIS B 110 15.35 -14.40 -37.33
C HIS B 110 14.49 -15.29 -36.43
N ILE B 111 13.22 -15.44 -36.77
CA ILE B 111 12.29 -16.13 -35.88
C ILE B 111 12.59 -17.63 -35.68
N PRO B 112 12.90 -18.37 -36.75
CA PRO B 112 13.31 -19.77 -36.60
C PRO B 112 14.47 -19.97 -35.57
N GLN B 113 15.51 -19.15 -35.64
CA GLN B 113 16.63 -19.27 -34.71
C GLN B 113 16.21 -18.89 -33.32
N MET B 114 15.33 -17.89 -33.20
CA MET B 114 14.81 -17.49 -31.87
C MET B 114 14.10 -18.67 -31.24
N ARG B 115 13.29 -19.37 -32.04
CA ARG B 115 12.50 -20.49 -31.53
C ARG B 115 13.43 -21.62 -31.08
N VAL B 116 14.49 -21.91 -31.87
CA VAL B 116 15.52 -22.88 -31.47
C VAL B 116 16.12 -22.50 -30.11
N PHE B 117 16.49 -21.24 -29.94
CA PHE B 117 17.06 -20.79 -28.66
C PHE B 117 16.09 -20.95 -27.48
N ILE B 118 14.82 -20.53 -27.67
CA ILE B 118 13.82 -20.61 -26.61
C ILE B 118 13.44 -22.04 -26.30
N ALA B 119 13.27 -22.87 -27.32
CA ALA B 119 12.94 -24.28 -27.08
C ALA B 119 14.02 -24.99 -26.26
N GLU B 120 15.29 -24.67 -26.52
CA GLU B 120 16.41 -25.22 -25.74
C GLU B 120 16.44 -24.74 -24.30
N ASP B 121 16.34 -23.43 -24.10
CA ASP B 121 16.31 -22.89 -22.76
C ASP B 121 15.13 -23.40 -21.90
N LEU B 122 14.10 -23.93 -22.56
CA LEU B 122 12.92 -24.36 -21.84
C LEU B 122 12.77 -25.88 -21.88
N GLY B 123 13.75 -26.55 -22.50
CA GLY B 123 13.74 -27.99 -22.66
C GLY B 123 12.50 -28.59 -23.30
N CYS B 124 11.83 -27.84 -24.16
CA CYS B 124 10.64 -28.36 -24.86
C CYS B 124 10.90 -28.56 -26.35
N HIS B 125 9.92 -29.14 -27.03
CA HIS B 125 9.89 -29.20 -28.48
C HIS B 125 9.71 -27.78 -29.04
N MET B 126 10.31 -27.54 -30.21
CA MET B 126 10.18 -26.28 -30.94
C MET B 126 8.72 -26.01 -31.29
N ASP B 127 7.87 -27.13 -31.47
CA ASP B 127 6.47 -26.94 -31.80
C ASP B 127 5.64 -26.32 -30.67
N ASP B 128 6.26 -26.16 -29.46
CA ASP B 128 5.54 -25.55 -28.34
C ASP B 128 5.88 -24.05 -28.24
N VAL B 129 6.68 -23.55 -29.18
CA VAL B 129 7.16 -22.17 -29.14
C VAL B 129 6.81 -21.45 -30.42
N ASN B 130 6.19 -20.27 -30.29
CA ASN B 130 5.85 -19.46 -31.44
C ASN B 130 6.32 -18.03 -31.20
N VAL B 131 6.83 -17.39 -32.24
CA VAL B 131 7.25 -16.01 -32.17
C VAL B 131 6.73 -15.35 -33.44
N LYS B 132 6.24 -14.13 -33.31
CA LYS B 132 5.79 -13.39 -34.47
C LYS B 132 6.17 -11.94 -34.32
N ALA B 133 6.04 -11.18 -35.40
CA ALA B 133 6.39 -9.76 -35.35
C ALA B 133 5.31 -8.96 -36.00
N THR B 134 5.14 -7.71 -35.57
CA THR B 134 4.23 -6.80 -36.26
C THR B 134 4.74 -5.38 -36.10
N THR B 135 4.45 -4.50 -37.05
CA THR B 135 4.76 -3.08 -36.88
C THR B 135 3.50 -2.40 -36.38
N THR B 136 3.65 -1.14 -35.95
CA THR B 136 2.51 -0.29 -35.71
C THR B 136 2.30 0.75 -36.81
N GLU B 137 2.73 0.45 -38.04
CA GLU B 137 2.56 1.34 -39.18
C GLU B 137 2.98 2.79 -38.92
N LYS B 138 4.14 2.99 -38.30
CA LYS B 138 4.68 4.35 -38.05
C LYS B 138 4.00 5.08 -36.90
N LEU B 139 3.04 4.42 -36.24
CA LEU B 139 2.33 5.06 -35.13
C LEU B 139 2.97 4.77 -33.78
N GLY B 140 2.92 5.74 -32.88
CA GLY B 140 3.39 5.54 -31.52
C GLY B 140 4.90 5.46 -31.39
N PHE B 141 5.37 5.22 -30.18
CA PHE B 141 6.81 5.19 -29.94
C PHE B 141 7.56 4.12 -30.75
N THR B 142 6.92 2.99 -31.04
CA THR B 142 7.55 1.93 -31.82
C THR B 142 7.59 2.36 -33.28
N GLY B 143 6.49 2.96 -33.74
CA GLY B 143 6.37 3.44 -35.10
C GLY B 143 7.33 4.56 -35.46
N ARG B 144 7.68 5.38 -34.49
CA ARG B 144 8.61 6.49 -34.67
C ARG B 144 10.08 6.04 -34.50
N GLY B 145 10.33 4.75 -34.30
CA GLY B 145 11.68 4.23 -34.12
C GLY B 145 12.35 4.55 -32.79
N GLU B 146 11.56 4.72 -31.73
CA GLU B 146 12.09 5.13 -30.43
C GLU B 146 12.38 3.94 -29.52
N GLY B 147 11.77 2.81 -29.82
CA GLY B 147 11.89 1.66 -28.94
C GLY B 147 11.26 0.44 -29.56
N ILE B 148 11.34 -0.68 -28.85
CA ILE B 148 10.69 -1.92 -29.28
C ILE B 148 9.90 -2.45 -28.09
N ALA B 149 8.70 -2.97 -28.34
CA ALA B 149 7.90 -3.57 -27.29
C ALA B 149 7.74 -5.02 -27.62
N CYS B 150 7.55 -5.89 -26.60
CA CYS B 150 7.23 -7.28 -26.83
C CYS B 150 6.21 -7.75 -25.83
N GLU B 151 5.30 -8.63 -26.30
CA GLU B 151 4.31 -9.31 -25.48
C GLU B 151 4.48 -10.81 -25.58
N ALA B 152 4.02 -11.51 -24.55
CA ALA B 152 4.10 -12.95 -24.53
C ALA B 152 2.96 -13.46 -23.70
N VAL B 153 2.43 -14.62 -24.10
CA VAL B 153 1.57 -15.38 -23.23
C VAL B 153 2.21 -16.77 -23.04
N ALA B 154 1.89 -17.40 -21.92
CA ALA B 154 2.37 -18.74 -21.64
C ALA B 154 1.28 -19.58 -20.96
N LEU B 155 1.21 -20.84 -21.37
CA LEU B 155 0.44 -21.83 -20.65
C LEU B 155 1.38 -22.81 -19.96
N LEU B 156 1.21 -22.95 -18.64
CA LEU B 156 1.93 -23.94 -17.83
C LEU B 156 0.98 -25.04 -17.36
N ILE B 157 1.55 -26.22 -17.17
CA ILE B 157 0.81 -27.41 -16.72
C ILE B 157 1.39 -27.88 -15.39
N LYS B 158 0.54 -28.25 -14.44
CA LYS B 158 1.00 -28.90 -13.20
C LYS B 158 0.27 -30.22 -12.99
N LEU C 1 -14.36 -30.52 -17.25
CA LEU C 1 -13.31 -30.08 -18.22
C LEU C 1 -13.84 -29.23 -19.41
N GLU C 2 -13.79 -27.91 -19.24
CA GLU C 2 -13.73 -26.95 -20.35
C GLU C 2 -12.95 -25.77 -19.78
N MET C 3 -11.95 -25.31 -20.51
CA MET C 3 -11.18 -24.16 -20.09
C MET C 3 -11.37 -23.01 -21.09
N ARG C 4 -11.34 -21.78 -20.60
CA ARG C 4 -11.54 -20.59 -21.42
C ARG C 4 -10.57 -19.45 -21.10
N ILE C 5 -10.11 -18.78 -22.15
CA ILE C 5 -9.12 -17.72 -22.04
C ILE C 5 -9.80 -16.35 -22.27
N GLY C 6 -9.32 -15.33 -21.55
CA GLY C 6 -9.76 -13.96 -21.74
C GLY C 6 -8.62 -12.96 -21.66
N HIS C 7 -8.82 -11.77 -22.25
CA HIS C 7 -7.79 -10.72 -22.25
C HIS C 7 -8.49 -9.38 -22.10
N GLY C 8 -7.90 -8.52 -21.28
CA GLY C 8 -8.47 -7.21 -21.07
C GLY C 8 -7.36 -6.18 -21.09
N PHE C 9 -7.73 -4.96 -21.43
CA PHE C 9 -6.76 -3.87 -21.55
C PHE C 9 -7.54 -2.63 -21.23
N ASP C 10 -6.90 -1.74 -20.49
CA ASP C 10 -7.54 -0.49 -20.17
C ASP C 10 -6.48 0.57 -19.96
N VAL C 11 -6.94 1.83 -20.04
CA VAL C 11 -6.12 3.02 -19.85
C VAL C 11 -6.94 4.12 -19.19
N HIS C 12 -6.36 4.78 -18.18
CA HIS C 12 -6.90 6.03 -17.69
C HIS C 12 -5.83 7.12 -17.65
N ALA C 13 -6.28 8.36 -17.85
CA ALA C 13 -5.42 9.54 -17.86
C ALA C 13 -5.33 10.14 -16.45
N PHE C 14 -4.17 10.69 -16.13
CA PHE C 14 -3.99 11.46 -14.89
C PHE C 14 -4.73 12.79 -14.93
N GLY C 15 -5.13 13.26 -13.76
CA GLY C 15 -5.74 14.58 -13.64
C GLY C 15 -6.46 14.67 -12.32
N GLY C 16 -6.64 15.91 -11.82
CA GLY C 16 -7.23 16.12 -10.51
C GLY C 16 -6.22 15.71 -9.46
N GLU C 17 -6.69 15.56 -8.21
CA GLU C 17 -5.79 15.29 -7.09
C GLU C 17 -5.70 13.80 -6.84
N GLY C 18 -4.52 13.36 -6.39
CA GLY C 18 -4.38 12.05 -5.76
C GLY C 18 -5.32 11.88 -4.57
N PRO C 19 -5.44 10.67 -4.02
CA PRO C 19 -4.66 9.50 -4.46
C PRO C 19 -5.29 8.78 -5.67
N ILE C 20 -4.60 7.78 -6.18
CA ILE C 20 -5.15 6.90 -7.21
C ILE C 20 -5.55 5.58 -6.58
N ILE C 21 -6.40 4.84 -7.29
CA ILE C 21 -6.92 3.57 -6.81
C ILE C 21 -6.62 2.56 -7.87
N ILE C 22 -5.80 1.58 -7.52
CA ILE C 22 -5.28 0.58 -8.45
C ILE C 22 -5.37 -0.75 -7.75
N GLY C 23 -6.07 -1.72 -8.36
CA GLY C 23 -6.21 -3.03 -7.76
C GLY C 23 -6.95 -2.95 -6.43
N GLY C 24 -7.81 -1.94 -6.27
CA GLY C 24 -8.49 -1.75 -5.00
C GLY C 24 -7.74 -0.86 -4.01
N VAL C 25 -6.44 -0.60 -4.25
CA VAL C 25 -5.61 0.03 -3.24
C VAL C 25 -5.49 1.54 -3.44
N ARG C 26 -5.70 2.29 -2.37
CA ARG C 26 -5.49 3.74 -2.41
C ARG C 26 -3.97 4.02 -2.38
N ILE C 27 -3.43 4.59 -3.46
CA ILE C 27 -1.99 4.84 -3.61
C ILE C 27 -1.72 6.34 -3.71
N PRO C 28 -0.94 6.89 -2.77
CA PRO C 28 -0.67 8.34 -2.73
C PRO C 28 0.08 8.74 -3.99
N TYR C 29 -0.29 9.85 -4.56
CA TYR C 29 0.34 10.35 -5.78
C TYR C 29 -0.11 11.78 -5.95
N GLU C 30 0.69 12.53 -6.72
CA GLU C 30 0.44 13.96 -6.98
C GLU C 30 -0.81 14.22 -7.82
N LYS C 31 -1.20 13.30 -8.69
CA LYS C 31 -2.39 13.43 -9.54
C LYS C 31 -3.35 12.27 -9.30
N GLY C 32 -4.62 12.48 -9.58
CA GLY C 32 -5.59 11.40 -9.60
C GLY C 32 -5.67 10.77 -10.97
N LEU C 33 -6.62 9.86 -11.13
CA LEU C 33 -6.99 9.30 -12.42
C LEU C 33 -8.38 9.79 -12.78
N LEU C 34 -8.51 10.36 -13.99
CA LEU C 34 -9.80 10.82 -14.47
C LEU C 34 -10.66 9.62 -14.89
N ALA C 35 -11.84 9.50 -14.29
CA ALA C 35 -12.79 8.45 -14.70
C ALA C 35 -14.24 8.81 -14.43
N HIS C 36 -15.15 8.05 -15.04
CA HIS C 36 -16.54 8.01 -14.64
C HIS C 36 -16.71 7.31 -13.29
N SER C 37 -16.12 6.12 -13.15
CA SER C 37 -16.06 5.41 -11.89
C SER C 37 -14.87 5.90 -11.06
N ASP C 38 -14.33 5.06 -10.19
CA ASP C 38 -13.17 5.44 -9.40
C ASP C 38 -11.84 5.40 -10.19
N GLY C 39 -11.88 4.88 -11.41
CA GLY C 39 -10.71 4.92 -12.28
C GLY C 39 -9.70 3.77 -12.14
N ASP C 40 -10.11 2.69 -11.50
CA ASP C 40 -9.20 1.58 -11.28
C ASP C 40 -8.90 0.80 -12.55
N VAL C 41 -7.80 1.19 -13.23
CA VAL C 41 -7.43 0.64 -14.53
C VAL C 41 -7.18 -0.82 -14.43
N ALA C 42 -6.56 -1.24 -13.34
CA ALA C 42 -6.24 -2.65 -13.15
C ALA C 42 -7.50 -3.53 -13.08
N LEU C 43 -8.49 -3.13 -12.27
CA LEU C 43 -9.68 -3.96 -12.05
C LEU C 43 -10.57 -3.95 -13.27
N HIS C 44 -10.62 -2.82 -13.97
CA HIS C 44 -11.29 -2.75 -15.26
C HIS C 44 -10.70 -3.74 -16.27
N ALA C 45 -9.37 -3.73 -16.42
CA ALA C 45 -8.74 -4.64 -17.37
C ALA C 45 -8.99 -6.07 -16.94
N LEU C 46 -8.91 -6.33 -15.65
CA LEU C 46 -9.14 -7.67 -15.11
C LEU C 46 -10.61 -8.13 -15.38
N THR C 47 -11.56 -7.24 -15.10
CA THR C 47 -12.98 -7.49 -15.34
C THR C 47 -13.25 -7.81 -16.79
N ASP C 48 -12.66 -7.04 -17.70
CA ASP C 48 -12.75 -7.36 -19.13
C ASP C 48 -12.17 -8.71 -19.50
N ALA C 49 -11.03 -9.10 -18.89
CA ALA C 49 -10.45 -10.42 -19.16
C ALA C 49 -11.41 -11.53 -18.75
N LEU C 50 -12.05 -11.34 -17.60
CA LEU C 50 -12.95 -12.35 -17.05
C LEU C 50 -14.24 -12.46 -17.88
N LEU C 51 -14.82 -11.31 -18.17
CA LEU C 51 -15.99 -11.22 -19.04
C LEU C 51 -15.71 -11.76 -20.46
N GLY C 52 -14.51 -11.46 -20.97
CA GLY C 52 -14.10 -11.95 -22.27
C GLY C 52 -14.03 -13.47 -22.32
N ALA C 53 -13.47 -14.08 -21.27
CA ALA C 53 -13.33 -15.52 -21.23
C ALA C 53 -14.71 -16.18 -21.16
N ALA C 54 -15.64 -15.54 -20.47
CA ALA C 54 -16.99 -16.06 -20.33
C ALA C 54 -17.89 -15.66 -21.51
N ALA C 55 -17.34 -14.94 -22.49
CA ALA C 55 -18.09 -14.38 -23.61
C ALA C 55 -19.29 -13.53 -23.15
N LEU C 56 -19.09 -12.71 -22.13
CA LEU C 56 -20.18 -11.88 -21.67
C LEU C 56 -19.99 -10.44 -22.11
N GLY C 57 -19.15 -10.21 -23.11
CA GLY C 57 -18.93 -8.85 -23.60
C GLY C 57 -17.79 -8.12 -22.90
N ASP C 58 -18.09 -6.96 -22.30
CA ASP C 58 -17.12 -6.11 -21.59
C ASP C 58 -17.79 -5.17 -20.58
N ILE C 59 -16.98 -4.46 -19.79
CA ILE C 59 -17.51 -3.60 -18.70
C ILE C 59 -18.33 -2.45 -19.25
N GLY C 60 -17.91 -1.88 -20.37
CA GLY C 60 -18.66 -0.80 -20.96
C GLY C 60 -20.06 -1.23 -21.35
N LYS C 61 -20.23 -2.47 -21.81
CA LYS C 61 -21.56 -2.98 -22.10
C LYS C 61 -22.32 -3.21 -20.81
N LEU C 62 -21.68 -3.85 -19.82
CA LEU C 62 -22.38 -4.16 -18.57
C LEU C 62 -22.65 -2.91 -17.73
N PHE C 63 -21.69 -1.99 -17.68
CA PHE C 63 -21.79 -0.80 -16.83
C PHE C 63 -21.49 0.48 -17.60
N PRO C 64 -22.45 0.91 -18.43
CA PRO C 64 -22.24 2.05 -19.35
C PRO C 64 -21.82 3.38 -18.70
N ASP C 65 -20.84 4.07 -19.30
CA ASP C 65 -20.40 5.40 -18.89
C ASP C 65 -21.52 6.46 -18.99
N THR C 66 -22.64 6.07 -19.61
CA THR C 66 -23.77 6.96 -19.79
C THR C 66 -24.70 6.94 -18.58
N ASP C 67 -24.73 5.81 -17.89
CA ASP C 67 -25.60 5.60 -16.74
C ASP C 67 -25.03 6.28 -15.48
N PRO C 68 -25.78 7.21 -14.88
CA PRO C 68 -25.31 7.94 -13.69
C PRO C 68 -25.16 7.04 -12.46
N ALA C 69 -25.71 5.83 -12.53
CA ALA C 69 -25.64 4.87 -11.43
C ALA C 69 -24.20 4.39 -11.17
N PHE C 70 -23.35 4.53 -12.19
CA PHE C 70 -21.97 4.07 -12.10
C PHE C 70 -20.97 5.22 -11.87
N LYS C 71 -21.48 6.43 -11.65
CA LYS C 71 -20.62 7.55 -11.30
C LYS C 71 -19.98 7.32 -9.95
N GLY C 72 -18.65 7.45 -9.90
CA GLY C 72 -17.88 7.19 -8.71
C GLY C 72 -17.92 5.76 -8.21
N ALA C 73 -18.44 4.84 -9.02
CA ALA C 73 -18.58 3.44 -8.61
C ALA C 73 -17.25 2.84 -8.10
N ASP C 74 -17.35 2.08 -7.01
CA ASP C 74 -16.28 1.25 -6.57
C ASP C 74 -16.04 0.15 -7.63
N SER C 75 -14.88 0.20 -8.28
CA SER C 75 -14.54 -0.82 -9.29
C SER C 75 -14.57 -2.26 -8.78
N ARG C 76 -14.42 -2.45 -7.48
CA ARG C 76 -14.50 -3.77 -6.88
C ARG C 76 -15.94 -4.31 -6.88
N GLU C 77 -16.93 -3.42 -6.78
CA GLU C 77 -18.33 -3.81 -6.88
C GLU C 77 -18.63 -4.28 -8.30
N LEU C 78 -18.13 -3.52 -9.27
CA LEU C 78 -18.21 -3.94 -10.66
C LEU C 78 -17.54 -5.28 -10.84
N LEU C 79 -16.37 -5.47 -10.25
CA LEU C 79 -15.68 -6.73 -10.42
C LEU C 79 -16.53 -7.90 -9.85
N ARG C 80 -17.03 -7.73 -8.63
CA ARG C 80 -17.86 -8.76 -7.98
C ARG C 80 -19.22 -9.04 -8.71
N GLU C 81 -19.86 -8.01 -9.26
CA GLU C 81 -21.07 -8.19 -10.07
C GLU C 81 -20.78 -8.93 -11.39
N ALA C 82 -19.72 -8.54 -12.09
CA ALA C 82 -19.30 -9.27 -13.29
C ALA C 82 -19.01 -10.73 -12.97
N TRP C 83 -18.30 -10.96 -11.87
CA TRP C 83 -17.94 -12.29 -11.40
C TRP C 83 -19.16 -13.18 -11.06
N ARG C 84 -20.12 -12.61 -10.34
CA ARG C 84 -21.40 -13.26 -10.05
C ARG C 84 -22.08 -13.75 -11.36
N ARG C 85 -22.19 -12.87 -12.35
CA ARG C 85 -22.74 -13.24 -13.65
C ARG C 85 -21.97 -14.33 -14.37
N ILE C 86 -20.64 -14.32 -14.24
CA ILE C 86 -19.81 -15.34 -14.85
C ILE C 86 -20.03 -16.67 -14.17
N GLN C 87 -20.15 -16.63 -12.84
CA GLN C 87 -20.37 -17.84 -12.07
C GLN C 87 -21.77 -18.42 -12.31
N ALA C 88 -22.76 -17.55 -12.56
CA ALA C 88 -24.12 -17.99 -12.89
C ALA C 88 -24.12 -18.75 -14.20
N LYS C 89 -23.17 -18.43 -15.07
CA LYS C 89 -22.97 -19.16 -16.33
C LYS C 89 -22.22 -20.47 -16.15
N GLY C 90 -21.83 -20.79 -14.92
CA GLY C 90 -21.21 -22.08 -14.62
C GLY C 90 -19.68 -22.08 -14.59
N TYR C 91 -19.06 -20.90 -14.65
CA TYR C 91 -17.61 -20.82 -14.65
C TYR C 91 -17.02 -20.73 -13.27
N THR C 92 -15.87 -21.37 -13.12
CA THR C 92 -15.07 -21.18 -11.94
C THR C 92 -13.68 -20.65 -12.36
N LEU C 93 -12.89 -20.15 -11.41
CA LEU C 93 -11.64 -19.49 -11.75
C LEU C 93 -10.47 -20.44 -11.88
N GLY C 94 -9.77 -20.37 -13.02
CA GLY C 94 -8.49 -21.02 -13.16
C GLY C 94 -7.47 -20.13 -12.51
N ASN C 95 -7.07 -19.05 -13.21
CA ASN C 95 -6.13 -18.08 -12.63
C ASN C 95 -6.11 -16.80 -13.44
N VAL C 96 -5.60 -15.74 -12.83
CA VAL C 96 -5.47 -14.47 -13.52
C VAL C 96 -4.05 -13.93 -13.38
N ASP C 97 -3.66 -13.13 -14.37
CA ASP C 97 -2.36 -12.48 -14.37
C ASP C 97 -2.55 -11.07 -14.91
N VAL C 98 -2.09 -10.08 -14.14
CA VAL C 98 -2.34 -8.66 -14.38
C VAL C 98 -0.99 -7.91 -14.52
N THR C 99 -0.88 -7.03 -15.50
CA THR C 99 0.31 -6.22 -15.69
C THR C 99 -0.04 -4.73 -15.67
N ILE C 100 0.44 -4.03 -14.65
CA ILE C 100 0.25 -2.59 -14.55
C ILE C 100 1.40 -1.91 -15.28
N ILE C 101 1.07 -1.04 -16.23
CA ILE C 101 2.09 -0.33 -17.00
C ILE C 101 2.07 1.14 -16.61
N ALA C 102 3.05 1.55 -15.83
CA ALA C 102 3.09 2.90 -15.31
C ALA C 102 4.52 3.35 -15.03
N GLN C 103 4.80 4.63 -15.25
CA GLN C 103 6.10 5.20 -14.90
C GLN C 103 6.18 5.45 -13.38
N ALA C 104 5.08 5.94 -12.82
CA ALA C 104 4.89 6.21 -11.41
C ALA C 104 3.37 6.29 -11.20
N PRO C 105 2.86 6.15 -9.96
CA PRO C 105 3.69 5.85 -8.77
C PRO C 105 4.20 4.42 -8.75
N LYS C 106 5.07 4.15 -7.80
CA LYS C 106 5.62 2.82 -7.60
C LYS C 106 4.50 1.87 -7.16
N MET C 107 4.37 0.74 -7.84
CA MET C 107 3.32 -0.22 -7.59
C MET C 107 3.71 -1.35 -6.62
N LEU C 108 4.98 -1.74 -6.64
CA LEU C 108 5.46 -2.89 -5.88
C LEU C 108 4.99 -3.03 -4.41
N PRO C 109 5.09 -1.97 -3.60
CA PRO C 109 4.70 -2.11 -2.19
C PRO C 109 3.20 -2.51 -2.03
N HIS C 110 2.41 -2.28 -3.07
CA HIS C 110 0.96 -2.31 -2.96
C HIS C 110 0.36 -3.58 -3.53
N ILE C 111 1.19 -4.32 -4.24
CA ILE C 111 0.76 -5.49 -4.95
C ILE C 111 0.22 -6.59 -4.01
N PRO C 112 0.89 -6.88 -2.90
CA PRO C 112 0.35 -7.85 -1.94
C PRO C 112 -1.13 -7.50 -1.55
N GLN C 113 -1.40 -6.26 -1.18
CA GLN C 113 -2.75 -5.83 -0.86
C GLN C 113 -3.74 -5.91 -2.06
N MET C 114 -3.25 -5.65 -3.29
CA MET C 114 -4.09 -5.81 -4.47
C MET C 114 -4.52 -7.28 -4.61
N ARG C 115 -3.56 -8.19 -4.47
CA ARG C 115 -3.80 -9.60 -4.58
C ARG C 115 -4.77 -10.10 -3.54
N VAL C 116 -4.72 -9.54 -2.33
CA VAL C 116 -5.65 -9.92 -1.28
C VAL C 116 -7.08 -9.54 -1.70
N PHE C 117 -7.26 -8.32 -2.18
CA PHE C 117 -8.54 -7.79 -2.63
C PHE C 117 -9.09 -8.61 -3.81
N ILE C 118 -8.27 -8.80 -4.85
CA ILE C 118 -8.72 -9.56 -6.02
C ILE C 118 -9.09 -11.00 -5.63
N ALA C 119 -8.28 -11.59 -4.77
CA ALA C 119 -8.50 -12.96 -4.31
C ALA C 119 -9.83 -13.07 -3.55
N GLU C 120 -10.11 -12.03 -2.70
CA GLU C 120 -11.38 -11.98 -1.98
C GLU C 120 -12.54 -11.77 -2.95
N ASP C 121 -12.40 -10.84 -3.91
CA ASP C 121 -13.47 -10.50 -4.83
C ASP C 121 -13.84 -11.71 -5.73
N LEU C 122 -12.88 -12.57 -6.02
CA LEU C 122 -13.15 -13.72 -6.87
C LEU C 122 -13.40 -15.04 -6.10
N GLY C 123 -13.60 -14.96 -4.79
CA GLY C 123 -13.62 -16.12 -3.92
C GLY C 123 -12.53 -17.16 -4.11
N CYS C 124 -11.30 -16.70 -4.46
CA CYS C 124 -10.24 -17.66 -4.76
C CYS C 124 -9.07 -17.55 -3.79
N HIS C 125 -8.05 -18.39 -3.85
CA HIS C 125 -6.82 -18.15 -3.11
C HIS C 125 -5.88 -17.22 -3.87
N MET C 126 -5.04 -16.54 -3.09
CA MET C 126 -4.04 -15.59 -3.59
C MET C 126 -3.08 -16.22 -4.61
N ASP C 127 -2.82 -17.51 -4.44
CA ASP C 127 -2.02 -18.32 -5.36
C ASP C 127 -2.52 -18.26 -6.81
N ASP C 128 -3.79 -17.92 -6.98
CA ASP C 128 -4.42 -17.93 -8.29
C ASP C 128 -4.46 -16.53 -8.90
N VAL C 129 -3.88 -15.56 -8.19
CA VAL C 129 -3.85 -14.18 -8.63
C VAL C 129 -2.41 -13.67 -8.68
N ASN C 130 -1.97 -13.30 -9.88
CA ASN C 130 -0.66 -12.67 -10.07
C ASN C 130 -0.83 -11.27 -10.58
N VAL C 131 -0.10 -10.35 -9.96
CA VAL C 131 -0.05 -8.96 -10.37
C VAL C 131 1.42 -8.51 -10.47
N LYS C 132 1.75 -7.83 -11.56
CA LYS C 132 3.08 -7.29 -11.74
C LYS C 132 3.00 -5.87 -12.31
N ALA C 133 4.09 -5.11 -12.18
CA ALA C 133 4.14 -3.76 -12.69
C ALA C 133 5.39 -3.58 -13.51
N THR C 134 5.31 -2.76 -14.56
CA THR C 134 6.48 -2.40 -15.35
C THR C 134 6.33 -1.01 -15.95
N THR C 135 7.47 -0.42 -16.35
CA THR C 135 7.44 0.88 -17.04
C THR C 135 7.71 0.63 -18.48
N THR C 136 7.58 1.67 -19.29
CA THR C 136 7.97 1.60 -20.68
C THR C 136 9.19 2.50 -20.90
N GLU C 137 10.05 2.63 -19.88
CA GLU C 137 11.32 3.33 -20.00
C GLU C 137 11.18 4.76 -20.52
N LYS C 138 10.22 5.51 -19.99
CA LYS C 138 9.93 6.88 -20.42
C LYS C 138 9.37 6.98 -21.84
N LEU C 139 8.99 5.86 -22.45
CA LEU C 139 8.40 5.91 -23.79
C LEU C 139 6.85 5.93 -23.78
N GLY C 140 6.29 6.48 -24.85
CA GLY C 140 4.86 6.59 -25.03
C GLY C 140 4.13 7.33 -23.91
N PHE C 141 2.81 7.25 -23.94
CA PHE C 141 1.99 8.06 -23.04
C PHE C 141 2.17 7.70 -21.55
N THR C 142 2.44 6.43 -21.25
CA THR C 142 2.75 6.04 -19.88
C THR C 142 4.14 6.55 -19.48
N GLY C 143 5.08 6.55 -20.43
CA GLY C 143 6.44 6.97 -20.16
C GLY C 143 6.54 8.47 -19.88
N ARG C 144 5.74 9.25 -20.58
CA ARG C 144 5.65 10.68 -20.31
C ARG C 144 4.82 11.01 -19.06
N GLY C 145 4.34 10.00 -18.33
CA GLY C 145 3.49 10.25 -17.17
C GLY C 145 2.10 10.80 -17.51
N GLU C 146 1.55 10.41 -18.66
CA GLU C 146 0.24 10.96 -19.03
C GLU C 146 -0.92 10.17 -18.47
N GLY C 147 -0.72 8.87 -18.27
CA GLY C 147 -1.75 8.03 -17.67
C GLY C 147 -1.16 6.68 -17.36
N ILE C 148 -2.03 5.73 -17.03
CA ILE C 148 -1.63 4.38 -16.66
C ILE C 148 -2.39 3.36 -17.52
N ALA C 149 -1.69 2.31 -17.95
CA ALA C 149 -2.31 1.25 -18.74
C ALA C 149 -2.31 -0.05 -17.94
N CYS C 150 -3.19 -1.01 -18.25
CA CYS C 150 -3.19 -2.30 -17.57
C CYS C 150 -3.69 -3.36 -18.53
N GLU C 151 -3.04 -4.54 -18.58
CA GLU C 151 -3.51 -5.72 -19.30
C GLU C 151 -3.76 -6.84 -18.31
N ALA C 152 -4.61 -7.78 -18.71
CA ALA C 152 -4.87 -8.88 -17.84
C ALA C 152 -5.23 -10.06 -18.72
N VAL C 153 -4.84 -11.25 -18.31
CA VAL C 153 -5.34 -12.45 -18.95
C VAL C 153 -5.98 -13.26 -17.87
N ALA C 154 -6.92 -14.11 -18.24
CA ALA C 154 -7.64 -14.93 -17.28
C ALA C 154 -7.90 -16.29 -17.88
N LEU C 155 -7.83 -17.30 -17.04
CA LEU C 155 -8.26 -18.62 -17.41
C LEU C 155 -9.44 -19.02 -16.54
N LEU C 156 -10.53 -19.43 -17.21
CA LEU C 156 -11.74 -19.96 -16.56
C LEU C 156 -11.94 -21.45 -16.85
N ILE C 157 -12.56 -22.13 -15.91
CA ILE C 157 -12.88 -23.55 -16.01
C ILE C 157 -14.39 -23.66 -15.91
N LYS C 158 -14.97 -24.47 -16.80
CA LYS C 158 -16.38 -24.87 -16.67
C LYS C 158 -16.41 -26.33 -16.26
N ALA C 159 -16.60 -27.16 -17.18
N LEU D 1 -21.95 17.44 24.67
CA LEU D 1 -21.99 16.88 26.07
C LEU D 1 -20.59 16.35 26.49
N GLU D 2 -20.55 15.12 26.98
CA GLU D 2 -19.31 14.54 27.48
C GLU D 2 -18.30 14.24 26.37
N MET D 3 -17.05 14.59 26.62
CA MET D 3 -15.95 14.14 25.76
C MET D 3 -14.97 13.34 26.59
N ARG D 4 -14.43 12.31 25.97
CA ARG D 4 -13.60 11.35 26.68
C ARG D 4 -12.40 10.93 25.85
N ILE D 5 -11.28 10.83 26.53
CA ILE D 5 -10.00 10.59 25.89
C ILE D 5 -9.48 9.20 26.24
N GLY D 6 -8.73 8.60 25.31
CA GLY D 6 -8.09 7.31 25.55
C GLY D 6 -6.73 7.26 24.90
N HIS D 7 -5.89 6.34 25.38
CA HIS D 7 -4.56 6.20 24.85
C HIS D 7 -4.23 4.73 24.79
N GLY D 8 -3.59 4.30 23.70
CA GLY D 8 -3.23 2.91 23.57
C GLY D 8 -1.83 2.77 23.08
N PHE D 9 -1.19 1.70 23.49
CA PHE D 9 0.18 1.45 23.15
C PHE D 9 0.28 -0.06 23.04
N ASP D 10 0.99 -0.52 22.01
CA ASP D 10 1.19 -1.94 21.82
C ASP D 10 2.51 -2.21 21.13
N VAL D 11 3.02 -3.42 21.30
CA VAL D 11 4.29 -3.82 20.72
C VAL D 11 4.20 -5.27 20.27
N HIS D 12 4.76 -5.56 19.10
CA HIS D 12 5.04 -6.93 18.70
C HIS D 12 6.46 -7.05 18.20
N ALA D 13 7.02 -8.24 18.43
CA ALA D 13 8.37 -8.59 18.03
C ALA D 13 8.35 -9.24 16.65
N PHE D 14 9.43 -9.06 15.88
CA PHE D 14 9.56 -9.67 14.56
C PHE D 14 9.87 -11.14 14.71
N GLY D 15 9.42 -11.93 13.74
CA GLY D 15 9.70 -13.36 13.72
C GLY D 15 8.96 -14.04 12.61
N GLY D 16 9.60 -15.06 12.04
CA GLY D 16 9.01 -15.79 10.92
C GLY D 16 9.16 -14.98 9.63
N GLU D 17 8.36 -15.34 8.62
CA GLU D 17 8.42 -14.69 7.31
C GLU D 17 7.35 -13.62 7.25
N GLY D 18 7.56 -12.62 6.40
CA GLY D 18 6.53 -11.63 6.12
C GLY D 18 5.40 -12.24 5.31
N PRO D 19 4.40 -11.44 4.96
CA PRO D 19 4.39 -9.99 5.22
C PRO D 19 3.85 -9.62 6.62
N ILE D 20 3.76 -8.32 6.89
CA ILE D 20 3.18 -7.89 8.15
C ILE D 20 1.87 -7.22 7.80
N ILE D 21 0.99 -7.11 8.79
CA ILE D 21 -0.28 -6.43 8.61
C ILE D 21 -0.33 -5.28 9.59
N ILE D 22 -0.53 -4.08 9.06
CA ILE D 22 -0.47 -2.87 9.84
C ILE D 22 -1.55 -1.96 9.35
N GLY D 23 -2.40 -1.50 10.27
CA GLY D 23 -3.51 -0.65 9.91
C GLY D 23 -4.44 -1.37 8.95
N GLY D 24 -4.44 -2.71 9.00
CA GLY D 24 -5.22 -3.50 8.09
C GLY D 24 -4.53 -3.86 6.77
N VAL D 25 -3.38 -3.24 6.50
CA VAL D 25 -2.75 -3.36 5.19
C VAL D 25 -1.65 -4.40 5.19
N ARG D 26 -1.66 -5.28 4.18
CA ARG D 26 -0.59 -6.26 4.01
C ARG D 26 0.63 -5.59 3.38
N ILE D 27 1.75 -5.59 4.11
CA ILE D 27 2.97 -4.88 3.70
C ILE D 27 4.10 -5.85 3.51
N PRO D 28 4.67 -5.92 2.30
CA PRO D 28 5.74 -6.88 2.06
C PRO D 28 6.91 -6.60 3.01
N TYR D 29 7.50 -7.64 3.57
CA TYR D 29 8.67 -7.49 4.43
C TYR D 29 9.36 -8.82 4.62
N GLU D 30 10.71 -8.73 4.85
CA GLU D 30 11.53 -9.93 5.05
C GLU D 30 11.11 -10.74 6.29
N LYS D 31 10.48 -10.10 7.33
CA LYS D 31 10.08 -10.78 8.57
C LYS D 31 8.61 -10.54 8.78
N GLY D 32 7.98 -11.42 9.52
CA GLY D 32 6.62 -11.20 9.97
C GLY D 32 6.68 -10.70 11.41
N LEU D 33 5.50 -10.47 12.00
CA LEU D 33 5.36 -10.17 13.42
C LEU D 33 4.77 -11.36 14.19
N LEU D 34 5.42 -11.72 15.29
CA LEU D 34 4.91 -12.75 16.21
C LEU D 34 3.68 -12.26 16.95
N ALA D 35 2.59 -13.03 16.84
CA ALA D 35 1.35 -12.62 17.45
C ALA D 35 0.41 -13.80 17.73
N HIS D 36 -0.61 -13.57 18.55
CA HIS D 36 -1.73 -14.51 18.69
C HIS D 36 -2.69 -14.34 17.50
N SER D 37 -3.14 -13.09 17.29
CA SER D 37 -3.92 -12.71 16.10
C SER D 37 -2.99 -12.53 14.89
N ASP D 38 -3.37 -11.66 13.95
CA ASP D 38 -2.57 -11.37 12.76
C ASP D 38 -1.39 -10.41 13.05
N GLY D 39 -1.33 -9.90 14.28
CA GLY D 39 -0.21 -9.10 14.71
C GLY D 39 -0.29 -7.65 14.36
N ASP D 40 -1.52 -7.13 14.19
CA ASP D 40 -1.68 -5.75 13.74
C ASP D 40 -1.50 -4.79 14.92
N VAL D 41 -0.24 -4.41 15.16
CA VAL D 41 0.12 -3.51 16.26
C VAL D 41 -0.67 -2.22 16.27
N ALA D 42 -0.85 -1.62 15.10
CA ALA D 42 -1.51 -0.34 14.98
C ALA D 42 -2.98 -0.40 15.35
N LEU D 43 -3.67 -1.42 14.88
CA LEU D 43 -5.07 -1.59 15.21
C LEU D 43 -5.29 -2.00 16.68
N HIS D 44 -4.39 -2.81 17.23
CA HIS D 44 -4.43 -3.11 18.67
C HIS D 44 -4.33 -1.84 19.52
N ALA D 45 -3.28 -1.04 19.31
CA ALA D 45 -3.14 0.23 20.04
C ALA D 45 -4.35 1.14 19.83
N LEU D 46 -4.86 1.20 18.60
CA LEU D 46 -6.04 2.00 18.35
C LEU D 46 -7.27 1.45 19.13
N THR D 47 -7.36 0.13 19.24
CA THR D 47 -8.49 -0.49 19.89
C THR D 47 -8.42 -0.19 21.39
N ASP D 48 -7.27 -0.43 21.99
CA ASP D 48 -7.05 -0.03 23.38
C ASP D 48 -7.32 1.45 23.64
N ALA D 49 -6.97 2.32 22.71
CA ALA D 49 -7.26 3.73 22.91
C ALA D 49 -8.76 3.99 22.98
N LEU D 50 -9.53 3.32 22.10
CA LEU D 50 -10.98 3.53 22.05
C LEU D 50 -11.68 2.92 23.26
N LEU D 51 -11.23 1.75 23.67
CA LEU D 51 -11.76 1.09 24.86
C LEU D 51 -11.39 1.87 26.14
N GLY D 52 -10.16 2.39 26.18
CA GLY D 52 -9.69 3.22 27.28
C GLY D 52 -10.54 4.47 27.47
N ALA D 53 -10.90 5.11 26.37
CA ALA D 53 -11.73 6.30 26.43
C ALA D 53 -13.15 5.98 26.93
N ALA D 54 -13.64 4.80 26.58
CA ALA D 54 -14.97 4.38 27.04
C ALA D 54 -14.91 3.64 28.38
N ALA D 55 -13.74 3.60 28.99
CA ALA D 55 -13.54 2.90 30.27
C ALA D 55 -13.93 1.40 30.24
N LEU D 56 -13.81 0.78 29.07
CA LEU D 56 -14.05 -0.66 28.91
C LEU D 56 -12.82 -1.56 29.13
N GLY D 57 -11.76 -1.01 29.73
CA GLY D 57 -10.55 -1.79 30.00
C GLY D 57 -9.55 -1.83 28.85
N ASP D 58 -9.19 -3.02 28.38
CA ASP D 58 -8.38 -3.16 27.16
C ASP D 58 -8.86 -4.29 26.27
N ILE D 59 -8.15 -4.53 25.17
CA ILE D 59 -8.50 -5.62 24.25
C ILE D 59 -8.39 -6.95 24.95
N GLY D 60 -7.30 -7.14 25.70
CA GLY D 60 -7.09 -8.36 26.46
C GLY D 60 -8.17 -8.69 27.47
N LYS D 61 -9.14 -7.79 27.63
CA LYS D 61 -10.26 -7.97 28.55
C LYS D 61 -11.56 -8.28 27.79
N LEU D 62 -11.48 -8.21 26.46
CA LEU D 62 -12.62 -8.49 25.60
C LEU D 62 -12.25 -9.65 24.69
N PHE D 63 -11.02 -9.61 24.18
CA PHE D 63 -10.47 -10.64 23.29
C PHE D 63 -9.14 -11.20 23.80
N PRO D 64 -9.18 -11.99 24.88
CA PRO D 64 -7.97 -12.57 25.47
C PRO D 64 -7.16 -13.43 24.50
N ASP D 65 -5.83 -13.36 24.58
CA ASP D 65 -4.97 -14.25 23.80
C ASP D 65 -4.96 -15.69 24.38
N THR D 66 -5.65 -15.87 25.52
CA THR D 66 -5.90 -17.18 26.11
C THR D 66 -7.25 -17.73 25.63
N ASP D 67 -7.67 -17.32 24.43
CA ASP D 67 -8.93 -17.75 23.84
C ASP D 67 -8.75 -18.08 22.35
N PRO D 68 -8.86 -19.36 22.00
CA PRO D 68 -8.69 -19.83 20.63
C PRO D 68 -9.63 -19.18 19.61
N ALA D 69 -10.77 -18.65 20.06
CA ALA D 69 -11.70 -17.91 19.20
C ALA D 69 -11.05 -16.76 18.42
N PHE D 70 -9.96 -16.21 18.99
CA PHE D 70 -9.28 -15.03 18.45
C PHE D 70 -7.89 -15.33 17.87
N LYS D 71 -7.57 -16.61 17.68
CA LYS D 71 -6.29 -16.97 17.08
C LYS D 71 -6.28 -16.61 15.59
N GLY D 72 -5.27 -15.85 15.19
CA GLY D 72 -5.12 -15.38 13.81
C GLY D 72 -6.23 -14.41 13.42
N ALA D 73 -6.97 -13.91 14.41
CA ALA D 73 -8.09 -13.02 14.14
C ALA D 73 -7.69 -11.83 13.29
N ASP D 74 -8.61 -11.47 12.38
CA ASP D 74 -8.54 -10.23 11.64
C ASP D 74 -8.73 -9.12 12.69
N SER D 75 -7.65 -8.39 13.00
CA SER D 75 -7.69 -7.33 14.01
C SER D 75 -8.76 -6.29 13.71
N ARG D 76 -9.16 -6.21 12.46
CA ARG D 76 -10.28 -5.35 12.08
C ARG D 76 -11.60 -5.85 12.66
N GLU D 77 -11.77 -7.17 12.69
CA GLU D 77 -12.94 -7.79 13.30
C GLU D 77 -13.04 -7.36 14.77
N LEU D 78 -11.92 -7.47 15.49
CA LEU D 78 -11.84 -7.02 16.87
C LEU D 78 -12.11 -5.52 17.00
N LEU D 79 -11.52 -4.75 16.11
CA LEU D 79 -11.74 -3.31 16.11
C LEU D 79 -13.24 -3.02 15.97
N ARG D 80 -13.87 -3.66 14.99
CA ARG D 80 -15.30 -3.46 14.70
C ARG D 80 -16.17 -3.92 15.86
N GLU D 81 -15.76 -4.99 16.53
CA GLU D 81 -16.48 -5.51 17.69
C GLU D 81 -16.36 -4.57 18.91
N ALA D 82 -15.13 -4.15 19.22
CA ALA D 82 -14.93 -3.19 20.31
C ALA D 82 -15.74 -1.93 20.01
N TRP D 83 -15.71 -1.50 18.76
CA TRP D 83 -16.43 -0.29 18.37
C TRP D 83 -17.95 -0.42 18.56
N ARG D 84 -18.48 -1.62 18.26
CA ARG D 84 -19.90 -1.92 18.45
C ARG D 84 -20.30 -1.80 19.93
N ARG D 85 -19.49 -2.37 20.81
CA ARG D 85 -19.73 -2.30 22.24
C ARG D 85 -19.63 -0.88 22.79
N ILE D 86 -18.62 -0.14 22.33
CA ILE D 86 -18.45 1.26 22.70
C ILE D 86 -19.68 2.07 22.30
N GLN D 87 -20.18 1.80 21.10
CA GLN D 87 -21.33 2.54 20.57
C GLN D 87 -22.62 2.22 21.32
N ALA D 88 -22.76 0.97 21.77
CA ALA D 88 -23.89 0.54 22.60
C ALA D 88 -23.96 1.36 23.89
N LYS D 89 -22.80 1.64 24.48
CA LYS D 89 -22.67 2.50 25.65
C LYS D 89 -23.03 3.98 25.36
N GLY D 90 -23.38 4.29 24.12
CA GLY D 90 -23.81 5.64 23.76
C GLY D 90 -22.74 6.57 23.18
N TYR D 91 -21.55 6.04 22.91
CA TYR D 91 -20.44 6.86 22.41
C TYR D 91 -20.46 6.97 20.89
N THR D 92 -20.09 8.14 20.39
CA THR D 92 -19.76 8.31 18.97
C THR D 92 -18.31 8.82 18.81
N LEU D 93 -17.80 8.86 17.59
CA LEU D 93 -16.39 9.16 17.44
C LEU D 93 -16.10 10.64 17.28
N GLY D 94 -15.11 11.13 18.02
CA GLY D 94 -14.58 12.45 17.78
C GLY D 94 -13.54 12.32 16.67
N ASN D 95 -12.34 11.89 17.03
CA ASN D 95 -11.29 11.64 16.04
C ASN D 95 -10.28 10.69 16.63
N VAL D 96 -9.42 10.11 15.79
CA VAL D 96 -8.33 9.24 16.26
C VAL D 96 -7.01 9.61 15.60
N ASP D 97 -5.91 9.33 16.29
CA ASP D 97 -4.57 9.62 15.77
C ASP D 97 -3.65 8.52 16.20
N VAL D 98 -2.87 8.01 15.25
CA VAL D 98 -2.11 6.78 15.46
C VAL D 98 -0.69 7.11 15.02
N THR D 99 0.28 6.54 15.73
CA THR D 99 1.70 6.77 15.47
C THR D 99 2.35 5.42 15.38
N ILE D 100 2.88 5.06 14.23
CA ILE D 100 3.54 3.78 14.07
C ILE D 100 5.02 4.04 14.33
N ILE D 101 5.63 3.23 15.20
CA ILE D 101 7.05 3.41 15.48
C ILE D 101 7.83 2.20 15.01
N ALA D 102 8.62 2.39 13.97
CA ALA D 102 9.25 1.28 13.28
C ALA D 102 10.42 1.81 12.49
N GLN D 103 11.48 1.03 12.41
CA GLN D 103 12.63 1.43 11.62
C GLN D 103 12.39 1.11 10.14
N ALA D 104 11.60 0.07 9.90
CA ALA D 104 11.35 -0.49 8.59
C ALA D 104 10.22 -1.53 8.81
N PRO D 105 9.43 -1.85 7.77
CA PRO D 105 9.51 -1.26 6.42
C PRO D 105 8.93 0.14 6.38
N LYS D 106 8.94 0.81 5.22
CA LYS D 106 8.32 2.13 5.06
C LYS D 106 6.81 2.00 5.19
N MET D 107 6.23 2.86 6.01
CA MET D 107 4.81 2.85 6.29
C MET D 107 4.07 3.86 5.43
N LEU D 108 4.75 4.95 5.10
CA LEU D 108 4.11 6.08 4.42
C LEU D 108 3.24 5.76 3.18
N PRO D 109 3.69 4.88 2.28
CA PRO D 109 2.90 4.60 1.07
C PRO D 109 1.61 3.87 1.42
N HIS D 110 1.55 3.24 2.59
CA HIS D 110 0.41 2.42 3.00
C HIS D 110 -0.61 3.16 3.83
N ILE D 111 -0.25 4.36 4.29
CA ILE D 111 -1.07 5.09 5.25
C ILE D 111 -2.46 5.49 4.72
N PRO D 112 -2.55 5.95 3.48
CA PRO D 112 -3.87 6.22 2.87
C PRO D 112 -4.79 4.97 2.88
N GLN D 113 -4.29 3.80 2.54
CA GLN D 113 -5.12 2.61 2.65
C GLN D 113 -5.54 2.31 4.11
N MET D 114 -4.63 2.55 5.08
CA MET D 114 -4.93 2.32 6.50
C MET D 114 -6.09 3.22 6.92
N ARG D 115 -6.04 4.48 6.50
CA ARG D 115 -7.04 5.44 6.88
C ARG D 115 -8.39 5.03 6.33
N VAL D 116 -8.39 4.47 5.12
CA VAL D 116 -9.60 3.97 4.48
C VAL D 116 -10.19 2.85 5.32
N PHE D 117 -9.39 1.85 5.63
CA PHE D 117 -9.82 0.76 6.48
C PHE D 117 -10.35 1.21 7.82
N ILE D 118 -9.62 2.09 8.51
CA ILE D 118 -9.99 2.48 9.86
C ILE D 118 -11.28 3.28 9.84
N ALA D 119 -11.41 4.19 8.87
CA ALA D 119 -12.61 5.01 8.75
C ALA D 119 -13.84 4.14 8.48
N GLU D 120 -13.72 3.18 7.51
CA GLU D 120 -14.78 2.20 7.27
C GLU D 120 -15.13 1.43 8.54
N ASP D 121 -14.15 0.89 9.27
CA ASP D 121 -14.39 0.03 10.44
C ASP D 121 -15.01 0.78 11.61
N LEU D 122 -14.91 2.11 11.59
CA LEU D 122 -15.46 2.96 12.63
C LEU D 122 -16.65 3.76 12.15
N GLY D 123 -17.11 3.49 10.93
CA GLY D 123 -18.24 4.17 10.33
C GLY D 123 -18.10 5.68 10.23
N CYS D 124 -16.82 6.21 9.97
CA CYS D 124 -16.58 7.66 9.95
C CYS D 124 -15.96 8.18 8.66
N HIS D 125 -15.93 9.46 8.48
CA HIS D 125 -15.13 10.11 7.44
C HIS D 125 -13.63 9.93 7.71
N MET D 126 -12.87 9.72 6.63
CA MET D 126 -11.41 9.68 6.63
C MET D 126 -10.78 10.88 7.37
N ASP D 127 -11.47 12.07 7.28
CA ASP D 127 -11.00 13.31 7.92
C ASP D 127 -10.99 13.21 9.45
N ASP D 128 -11.50 12.10 10.04
CA ASP D 128 -11.48 11.88 11.48
C ASP D 128 -10.37 10.92 11.91
N VAL D 129 -9.57 10.49 10.94
CA VAL D 129 -8.54 9.47 11.17
C VAL D 129 -7.20 9.96 10.67
N ASN D 130 -6.24 10.05 11.58
CA ASN D 130 -4.89 10.35 11.15
C ASN D 130 -4.01 9.19 11.53
N VAL D 131 -3.14 8.80 10.60
CA VAL D 131 -2.10 7.84 10.90
C VAL D 131 -0.75 8.47 10.52
N LYS D 132 0.25 8.27 11.35
CA LYS D 132 1.59 8.76 11.03
C LYS D 132 2.64 7.70 11.38
N ALA D 133 3.86 7.88 10.89
CA ALA D 133 4.95 6.95 11.18
C ALA D 133 6.21 7.71 11.56
N THR D 134 7.04 7.10 12.40
CA THR D 134 8.32 7.68 12.80
C THR D 134 9.33 6.56 13.11
N THR D 135 10.63 6.81 12.89
CA THR D 135 11.66 5.85 13.35
C THR D 135 12.21 6.35 14.65
N THR D 136 13.03 5.52 15.30
CA THR D 136 13.78 5.94 16.47
C THR D 136 15.28 6.06 16.15
N GLU D 137 15.59 6.31 14.88
CA GLU D 137 16.98 6.52 14.43
C GLU D 137 17.95 5.41 14.88
N LYS D 138 17.59 4.16 14.64
CA LYS D 138 18.44 3.01 14.97
C LYS D 138 18.59 2.77 16.48
N LEU D 139 17.87 3.55 17.30
CA LEU D 139 17.88 3.38 18.74
C LEU D 139 16.76 2.49 19.26
N GLY D 140 17.08 1.72 20.31
CA GLY D 140 16.13 0.90 21.05
C GLY D 140 15.71 -0.32 20.27
N PHE D 141 14.77 -1.09 20.81
CA PHE D 141 14.39 -2.33 20.15
C PHE D 141 13.79 -2.11 18.74
N THR D 142 13.07 -1.01 18.53
CA THR D 142 12.57 -0.71 17.19
C THR D 142 13.70 -0.33 16.27
N GLY D 143 14.62 0.48 16.77
CA GLY D 143 15.75 0.94 16.01
C GLY D 143 16.65 -0.19 15.57
N ARG D 144 16.73 -1.23 16.38
CA ARG D 144 17.57 -2.39 16.07
C ARG D 144 16.82 -3.41 15.20
N GLY D 145 15.56 -3.09 14.88
CA GLY D 145 14.72 -3.92 14.02
C GLY D 145 14.23 -5.19 14.69
N GLU D 146 13.97 -5.13 16.00
CA GLU D 146 13.56 -6.31 16.77
C GLU D 146 12.04 -6.36 16.88
N GLY D 147 11.41 -5.20 16.64
CA GLY D 147 9.99 -5.10 16.77
C GLY D 147 9.45 -3.78 16.31
N ILE D 148 8.14 -3.63 16.44
CA ILE D 148 7.42 -2.43 16.03
C ILE D 148 6.51 -2.08 17.18
N ALA D 149 6.40 -0.78 17.45
CA ALA D 149 5.55 -0.29 18.50
C ALA D 149 4.53 0.67 17.90
N CYS D 150 3.34 0.86 18.49
CA CYS D 150 2.39 1.85 18.00
C CYS D 150 1.64 2.42 19.17
N GLU D 151 1.22 3.65 19.02
CA GLU D 151 0.53 4.42 20.02
C GLU D 151 -0.67 5.01 19.33
N ALA D 152 -1.72 5.26 20.09
CA ALA D 152 -2.90 5.85 19.51
C ALA D 152 -3.54 6.71 20.54
N VAL D 153 -4.20 7.78 20.11
CA VAL D 153 -5.12 8.48 20.98
C VAL D 153 -6.47 8.55 20.30
N ALA D 154 -7.51 8.64 21.12
CA ALA D 154 -8.86 8.75 20.65
C ALA D 154 -9.69 9.71 21.48
N LEU D 155 -10.48 10.54 20.81
CA LEU D 155 -11.47 11.34 21.47
C LEU D 155 -12.89 10.81 21.16
N LEU D 156 -13.61 10.41 22.19
CA LEU D 156 -14.99 9.96 22.10
C LEU D 156 -16.00 11.00 22.58
N ILE D 157 -17.19 10.98 22.00
CA ILE D 157 -18.30 11.86 22.38
C ILE D 157 -19.48 11.06 22.98
N LYS D 158 -19.98 11.53 24.13
CA LYS D 158 -21.15 10.95 24.81
C LYS D 158 -22.19 12.03 25.09
N GLU E 2 -15.03 24.54 28.61
CA GLU E 2 -13.72 24.24 27.95
C GLU E 2 -12.99 23.02 28.54
N MET E 3 -12.19 22.34 27.73
CA MET E 3 -11.44 21.15 28.16
C MET E 3 -9.95 21.14 27.79
N ARG E 4 -9.16 20.40 28.57
CA ARG E 4 -7.72 20.43 28.45
C ARG E 4 -7.13 19.05 28.56
N ILE E 5 -6.13 18.79 27.72
CA ILE E 5 -5.48 17.48 27.65
C ILE E 5 -4.13 17.48 28.35
N GLY E 6 -3.75 16.35 28.94
CA GLY E 6 -2.45 16.19 29.56
C GLY E 6 -1.90 14.81 29.34
N HIS E 7 -0.58 14.69 29.34
CA HIS E 7 0.10 13.43 29.10
C HIS E 7 1.18 13.21 30.15
N GLY E 8 1.36 11.97 30.57
CA GLY E 8 2.35 11.70 31.60
C GLY E 8 3.10 10.45 31.25
N PHE E 9 4.38 10.41 31.57
CA PHE E 9 5.16 9.23 31.31
C PHE E 9 6.16 9.06 32.43
N ASP E 10 6.33 7.83 32.89
CA ASP E 10 7.25 7.57 33.99
C ASP E 10 7.90 6.18 33.99
N VAL E 11 9.08 6.09 34.58
CA VAL E 11 9.88 4.87 34.61
C VAL E 11 10.60 4.72 35.97
N HIS E 12 10.58 3.50 36.53
CA HIS E 12 11.46 3.13 37.65
C HIS E 12 12.12 1.80 37.38
N ALA E 13 13.39 1.71 37.75
CA ALA E 13 14.14 0.46 37.64
C ALA E 13 13.80 -0.47 38.82
N PHE E 14 13.95 -1.78 38.61
CA PHE E 14 13.81 -2.74 39.70
C PHE E 14 15.01 -2.68 40.64
N GLY E 15 14.73 -2.78 41.93
CA GLY E 15 15.77 -2.85 42.94
C GLY E 15 15.28 -3.23 44.32
N GLY E 16 16.17 -3.82 45.10
CA GLY E 16 15.90 -4.14 46.49
C GLY E 16 14.85 -5.24 46.63
N GLU E 17 13.95 -5.03 47.58
CA GLU E 17 13.00 -6.07 47.98
C GLU E 17 11.58 -5.68 47.60
N GLY E 18 10.82 -6.68 47.15
CA GLY E 18 9.38 -6.54 47.01
C GLY E 18 8.71 -6.17 48.33
N PRO E 19 7.44 -5.78 48.27
CA PRO E 19 6.67 -5.76 47.03
C PRO E 19 6.89 -4.44 46.28
N ILE E 20 6.16 -4.28 45.18
CA ILE E 20 6.11 -3.03 44.45
C ILE E 20 4.74 -2.46 44.75
N ILE E 21 4.62 -1.14 44.67
CA ILE E 21 3.32 -0.49 44.78
C ILE E 21 3.07 0.15 43.44
N ILE E 22 1.96 -0.26 42.82
CA ILE E 22 1.51 0.26 41.54
C ILE E 22 0.07 0.66 41.70
N GLY E 23 -0.23 1.92 41.39
CA GLY E 23 -1.58 2.44 41.51
C GLY E 23 -2.17 2.25 42.90
N GLY E 24 -1.31 2.36 43.92
CA GLY E 24 -1.72 2.21 45.30
C GLY E 24 -1.85 0.78 45.82
N VAL E 25 -1.79 -0.20 44.91
CA VAL E 25 -1.97 -1.61 45.25
C VAL E 25 -0.62 -2.31 45.46
N ARG E 26 -0.52 -3.10 46.53
CA ARG E 26 0.70 -3.84 46.82
C ARG E 26 0.76 -5.15 46.02
N ILE E 27 1.85 -5.34 45.29
CA ILE E 27 2.00 -6.51 44.43
C ILE E 27 3.29 -7.24 44.74
N PRO E 28 3.14 -8.48 45.21
CA PRO E 28 4.30 -9.33 45.50
C PRO E 28 5.24 -9.48 44.29
N TYR E 29 6.50 -9.14 44.49
CA TYR E 29 7.53 -9.36 43.47
C TYR E 29 8.87 -9.70 44.10
N GLU E 30 9.67 -10.50 43.39
CA GLU E 30 11.01 -10.85 43.83
C GLU E 30 11.93 -9.64 43.98
N LYS E 31 11.43 -8.47 43.59
CA LYS E 31 12.17 -7.21 43.61
C LYS E 31 11.20 -6.07 43.85
N GLY E 32 11.70 -4.97 44.40
CA GLY E 32 10.91 -3.76 44.53
C GLY E 32 11.29 -2.77 43.44
N LEU E 33 10.80 -1.54 43.55
CA LEU E 33 11.21 -0.48 42.64
C LEU E 33 12.06 0.58 43.34
N LEU E 34 13.31 0.71 42.90
CA LEU E 34 14.16 1.84 43.27
C LEU E 34 13.42 3.16 43.03
N ALA E 35 13.46 4.04 44.03
CA ALA E 35 12.71 5.31 44.00
C ALA E 35 12.95 6.11 45.27
N HIS E 36 13.03 7.43 45.10
CA HIS E 36 13.03 8.36 46.22
C HIS E 36 11.81 8.11 47.10
N SER E 37 10.62 8.20 46.49
CA SER E 37 9.34 7.90 47.15
C SER E 37 9.05 6.38 47.20
N ASP E 38 7.78 6.03 47.41
CA ASP E 38 7.37 4.62 47.37
C ASP E 38 7.48 3.95 45.98
N GLY E 39 7.60 4.75 44.91
CA GLY E 39 7.91 4.24 43.58
C GLY E 39 6.73 3.81 42.73
N ASP E 40 5.56 4.37 43.02
CA ASP E 40 4.35 4.02 42.30
C ASP E 40 4.36 4.63 40.89
N VAL E 41 5.13 4.03 39.99
CA VAL E 41 5.20 4.45 38.57
C VAL E 41 3.88 4.92 37.99
N ALA E 42 2.82 4.15 38.15
CA ALA E 42 1.51 4.48 37.60
C ALA E 42 0.94 5.79 38.12
N LEU E 43 1.20 6.11 39.39
CA LEU E 43 0.56 7.29 39.96
C LEU E 43 1.37 8.54 39.62
N HIS E 44 2.68 8.38 39.49
CA HIS E 44 3.54 9.44 38.98
C HIS E 44 3.09 9.86 37.58
N ALA E 45 3.01 8.89 36.66
CA ALA E 45 2.59 9.20 35.28
C ALA E 45 1.25 9.88 35.28
N LEU E 46 0.34 9.39 36.12
CA LEU E 46 -1.00 9.95 36.19
C LEU E 46 -0.97 11.39 36.73
N THR E 47 -0.09 11.62 37.71
CA THR E 47 0.08 12.92 38.33
C THR E 47 0.62 13.91 37.29
N ASP E 48 1.66 13.50 36.57
CA ASP E 48 2.21 14.30 35.48
C ASP E 48 1.15 14.67 34.44
N ALA E 49 0.30 13.70 34.07
CA ALA E 49 -0.73 13.93 33.04
C ALA E 49 -1.74 14.98 33.50
N LEU E 50 -2.12 14.91 34.77
CA LEU E 50 -3.06 15.86 35.36
C LEU E 50 -2.45 17.28 35.52
N LEU E 51 -1.20 17.34 36.00
CA LEU E 51 -0.50 18.62 36.13
C LEU E 51 -0.20 19.21 34.74
N GLY E 52 0.14 18.34 33.80
CA GLY E 52 0.35 18.73 32.41
C GLY E 52 -0.87 19.38 31.78
N ALA E 53 -2.04 18.80 32.03
CA ALA E 53 -3.30 19.35 31.50
C ALA E 53 -3.61 20.72 32.10
N ALA E 54 -3.26 20.88 33.37
CA ALA E 54 -3.49 22.12 34.09
C ALA E 54 -2.38 23.17 33.88
N ALA E 55 -1.33 22.77 33.17
CA ALA E 55 -0.15 23.60 32.91
C ALA E 55 0.63 23.92 34.20
N LEU E 56 0.83 22.91 35.04
CA LEU E 56 1.47 23.08 36.35
C LEU E 56 2.83 22.39 36.42
N GLY E 57 3.47 22.26 35.28
CA GLY E 57 4.80 21.67 35.19
C GLY E 57 4.76 20.17 35.29
N ASP E 58 5.60 19.61 36.15
CA ASP E 58 5.62 18.18 36.45
C ASP E 58 5.88 17.91 37.93
N ILE E 59 5.64 16.66 38.34
CA ILE E 59 5.83 16.20 39.71
C ILE E 59 7.26 16.43 40.26
N GLY E 60 8.27 16.36 39.39
CA GLY E 60 9.65 16.49 39.80
C GLY E 60 10.07 17.93 40.04
N LYS E 61 9.24 18.87 39.58
CA LYS E 61 9.39 20.29 39.86
C LYS E 61 8.66 20.62 41.16
N LEU E 62 7.49 20.02 41.36
CA LEU E 62 6.69 20.19 42.56
C LEU E 62 7.28 19.51 43.81
N PHE E 63 7.78 18.29 43.63
CA PHE E 63 8.37 17.52 44.72
C PHE E 63 9.76 17.01 44.31
N PRO E 64 10.79 17.85 44.43
CA PRO E 64 12.16 17.46 44.03
C PRO E 64 12.70 16.27 44.84
N ASP E 65 13.45 15.40 44.18
CA ASP E 65 14.07 14.25 44.87
C ASP E 65 15.42 14.61 45.51
N THR E 66 15.62 15.92 45.71
CA THR E 66 16.75 16.46 46.46
C THR E 66 16.26 16.98 47.82
N ASP E 67 14.94 17.15 47.93
CA ASP E 67 14.30 17.47 49.19
C ASP E 67 14.11 16.18 49.99
N PRO E 68 14.70 16.12 51.19
CA PRO E 68 14.64 14.91 52.04
C PRO E 68 13.26 14.63 52.66
N ALA E 69 12.35 15.60 52.64
CA ALA E 69 11.00 15.43 53.18
C ALA E 69 10.12 14.41 52.45
N PHE E 70 10.42 14.16 51.17
CA PHE E 70 9.59 13.28 50.32
C PHE E 70 10.04 11.81 50.27
N LYS E 71 11.22 11.51 50.81
CA LYS E 71 11.75 10.15 50.85
C LYS E 71 10.69 9.15 51.36
N GLY E 72 10.42 8.11 50.56
CA GLY E 72 9.48 7.05 50.92
C GLY E 72 8.01 7.43 50.96
N ALA E 73 7.67 8.61 50.43
CA ALA E 73 6.30 9.14 50.49
C ALA E 73 5.29 8.28 49.73
N ASP E 74 4.09 8.19 50.30
CA ASP E 74 2.95 7.57 49.64
C ASP E 74 2.59 8.42 48.44
N SER E 75 2.63 7.82 47.25
CA SER E 75 2.36 8.52 46.00
C SER E 75 0.88 8.84 45.85
N ARG E 76 0.04 8.12 46.59
CA ARG E 76 -1.37 8.42 46.71
C ARG E 76 -1.56 9.81 47.31
N GLU E 77 -0.62 10.20 48.18
CA GLU E 77 -0.62 11.50 48.84
C GLU E 77 -0.08 12.56 47.90
N LEU E 78 1.07 12.28 47.29
CA LEU E 78 1.65 13.16 46.26
C LEU E 78 0.67 13.48 45.14
N LEU E 79 -0.23 12.53 44.84
CA LEU E 79 -1.28 12.72 43.85
C LEU E 79 -2.39 13.62 44.39
N ARG E 80 -2.92 13.24 45.56
CA ARG E 80 -4.01 13.99 46.22
C ARG E 80 -3.67 15.46 46.40
N GLU E 81 -2.41 15.74 46.74
CA GLU E 81 -1.89 17.10 46.87
C GLU E 81 -1.88 17.82 45.51
N ALA E 82 -1.23 17.22 44.51
CA ALA E 82 -1.22 17.73 43.15
C ALA E 82 -2.64 18.03 42.65
N TRP E 83 -3.57 17.15 42.97
CA TRP E 83 -4.97 17.28 42.56
C TRP E 83 -5.65 18.50 43.17
N ARG E 84 -5.30 18.83 44.42
CA ARG E 84 -5.88 19.99 45.09
C ARG E 84 -5.41 21.28 44.39
N ARG E 85 -4.11 21.36 44.16
CA ARG E 85 -3.51 22.47 43.41
C ARG E 85 -4.17 22.66 42.04
N ILE E 86 -4.59 21.56 41.41
CA ILE E 86 -5.33 21.60 40.15
C ILE E 86 -6.79 22.07 40.34
N GLN E 87 -7.46 21.56 41.37
CA GLN E 87 -8.83 21.98 41.67
C GLN E 87 -8.86 23.46 42.02
N ALA E 88 -7.83 23.90 42.75
CA ALA E 88 -7.69 25.30 43.16
C ALA E 88 -7.65 26.23 41.95
N LYS E 89 -7.20 25.68 40.83
CA LYS E 89 -7.15 26.44 39.59
C LYS E 89 -8.50 26.41 38.86
N GLY E 90 -9.45 25.65 39.40
CA GLY E 90 -10.80 25.60 38.87
C GLY E 90 -11.11 24.48 37.88
N TYR E 91 -10.30 23.42 37.91
CA TYR E 91 -10.52 22.28 37.02
C TYR E 91 -11.19 21.13 37.76
N THR E 92 -12.22 20.55 37.13
CA THR E 92 -12.75 19.24 37.54
C THR E 92 -12.28 18.19 36.53
N LEU E 93 -12.51 16.92 36.85
CA LEU E 93 -12.05 15.82 35.99
C LEU E 93 -13.01 15.49 34.88
N GLY E 94 -12.46 15.16 33.72
CA GLY E 94 -13.20 14.52 32.66
C GLY E 94 -12.97 13.02 32.85
N ASN E 95 -11.83 12.54 32.38
CA ASN E 95 -11.49 11.13 32.56
C ASN E 95 -9.98 10.92 32.47
N VAL E 96 -9.53 9.77 32.95
CA VAL E 96 -8.13 9.39 32.86
C VAL E 96 -8.00 7.98 32.30
N ASP E 97 -6.88 7.73 31.62
CA ASP E 97 -6.60 6.43 31.03
C ASP E 97 -5.13 6.15 31.25
N VAL E 98 -4.82 5.06 31.94
CA VAL E 98 -3.47 4.77 32.38
C VAL E 98 -3.06 3.47 31.72
N THR E 99 -1.80 3.36 31.31
CA THR E 99 -1.27 2.14 30.72
C THR E 99 -0.02 1.76 31.47
N ILE E 100 0.02 0.54 32.02
CA ILE E 100 1.20 0.06 32.71
C ILE E 100 1.98 -0.86 31.79
N ILE E 101 3.26 -0.58 31.62
CA ILE E 101 4.07 -1.37 30.72
C ILE E 101 5.07 -2.11 31.56
N ALA E 102 4.89 -3.41 31.66
CA ALA E 102 5.70 -4.29 32.51
C ALA E 102 5.67 -5.71 31.99
N GLN E 103 6.82 -6.36 31.93
CA GLN E 103 6.87 -7.78 31.55
C GLN E 103 6.26 -8.65 32.66
N ALA E 104 6.47 -8.20 33.91
CA ALA E 104 6.11 -8.90 35.13
C ALA E 104 6.27 -7.91 36.29
N PRO E 105 5.53 -8.10 37.39
CA PRO E 105 4.60 -9.23 37.54
C PRO E 105 3.26 -8.94 36.91
N LYS E 106 2.37 -9.94 36.91
CA LYS E 106 1.01 -9.77 36.38
C LYS E 106 0.28 -8.65 37.13
N MET E 107 -0.51 -7.86 36.42
CA MET E 107 -1.12 -6.66 36.97
C MET E 107 -2.64 -6.76 36.99
N LEU E 108 -3.17 -7.60 36.11
CA LEU E 108 -4.61 -7.78 35.91
C LEU E 108 -5.44 -8.04 37.18
N PRO E 109 -4.98 -8.91 38.08
CA PRO E 109 -5.72 -9.15 39.32
C PRO E 109 -5.43 -8.08 40.40
N HIS E 110 -5.06 -6.89 39.95
CA HIS E 110 -4.80 -5.78 40.86
C HIS E 110 -5.43 -4.51 40.31
N ILE E 111 -5.60 -4.48 39.00
CA ILE E 111 -6.13 -3.28 38.33
C ILE E 111 -7.47 -2.80 38.92
N PRO E 112 -8.44 -3.69 39.15
CA PRO E 112 -9.74 -3.25 39.68
C PRO E 112 -9.58 -2.47 40.99
N GLN E 113 -8.67 -2.90 41.85
CA GLN E 113 -8.39 -2.18 43.10
C GLN E 113 -7.59 -0.87 42.89
N MET E 114 -6.73 -0.82 41.86
CA MET E 114 -6.08 0.44 41.45
C MET E 114 -7.15 1.43 41.00
N ARG E 115 -8.09 0.90 40.21
CA ARG E 115 -9.18 1.67 39.62
C ARG E 115 -10.10 2.33 40.68
N VAL E 116 -10.32 1.64 41.81
CA VAL E 116 -11.11 2.18 42.92
C VAL E 116 -10.31 3.26 43.67
N PHE E 117 -9.06 2.95 43.98
CA PHE E 117 -8.18 3.88 44.67
C PHE E 117 -8.02 5.20 43.91
N ILE E 118 -7.68 5.11 42.62
CA ILE E 118 -7.55 6.31 41.77
C ILE E 118 -8.81 7.17 41.78
N ALA E 119 -9.97 6.54 41.61
CA ALA E 119 -11.27 7.23 41.67
C ALA E 119 -11.50 7.91 43.04
N GLU E 120 -11.06 7.25 44.10
CA GLU E 120 -11.15 7.79 45.45
C GLU E 120 -10.30 9.06 45.51
N ASP E 121 -9.01 8.89 45.28
CA ASP E 121 -8.04 9.99 45.32
C ASP E 121 -8.41 11.22 44.49
N LEU E 122 -9.27 11.05 43.47
CA LEU E 122 -9.62 12.13 42.56
C LEU E 122 -11.08 12.56 42.70
N GLY E 123 -11.80 11.90 43.60
CA GLY E 123 -13.19 12.22 43.88
C GLY E 123 -14.07 12.19 42.64
N CYS E 124 -14.15 11.03 42.01
CA CYS E 124 -14.96 10.85 40.81
C CYS E 124 -15.59 9.47 40.76
N HIS E 125 -16.48 9.25 39.80
CA HIS E 125 -17.03 7.92 39.53
C HIS E 125 -15.95 6.98 38.98
N MET E 126 -16.14 5.68 39.21
CA MET E 126 -15.23 4.65 38.72
C MET E 126 -15.15 4.63 37.18
N ASP E 127 -16.25 5.06 36.56
CA ASP E 127 -16.44 5.07 35.11
C ASP E 127 -15.59 6.13 34.37
N ASP E 128 -14.82 6.91 35.14
CA ASP E 128 -13.99 7.97 34.59
C ASP E 128 -12.51 7.61 34.72
N VAL E 129 -12.26 6.39 35.20
CA VAL E 129 -10.91 5.91 35.41
C VAL E 129 -10.69 4.60 34.67
N ASN E 130 -9.70 4.58 33.78
CA ASN E 130 -9.33 3.37 33.09
C ASN E 130 -7.87 3.03 33.35
N VAL E 131 -7.60 1.76 33.61
CA VAL E 131 -6.24 1.27 33.82
C VAL E 131 -6.09 -0.01 32.99
N LYS E 132 -5.03 -0.07 32.19
CA LYS E 132 -4.68 -1.31 31.51
C LYS E 132 -3.21 -1.57 31.73
N ALA E 133 -2.83 -2.80 31.46
CA ALA E 133 -1.43 -3.18 31.51
C ALA E 133 -1.08 -3.90 30.21
N THR E 134 0.21 -3.93 29.87
CA THR E 134 0.71 -4.62 28.68
C THR E 134 2.19 -4.95 28.78
N THR E 135 2.63 -5.91 27.97
CA THR E 135 4.06 -6.24 27.88
C THR E 135 4.60 -5.65 26.60
N THR E 136 5.92 -5.66 26.47
CA THR E 136 6.56 -5.30 25.23
C THR E 136 7.16 -6.56 24.64
N GLU E 137 6.55 -7.69 24.97
CA GLU E 137 6.93 -8.99 24.42
C GLU E 137 8.42 -9.24 24.56
N LYS E 138 8.97 -8.98 25.75
CA LYS E 138 10.39 -9.23 26.07
C LYS E 138 11.37 -8.30 25.36
N LEU E 139 10.83 -7.26 24.71
CA LEU E 139 11.66 -6.26 24.03
C LEU E 139 11.92 -5.06 24.93
N GLY E 140 13.12 -4.48 24.81
CA GLY E 140 13.42 -3.24 25.51
C GLY E 140 13.75 -3.45 26.98
N PHE E 141 13.87 -2.35 27.71
CA PHE E 141 14.23 -2.43 29.12
C PHE E 141 13.08 -3.02 29.95
N THR E 142 11.83 -2.75 29.55
CA THR E 142 10.70 -3.34 30.28
C THR E 142 10.64 -4.82 30.04
N GLY E 143 10.95 -5.23 28.82
CA GLY E 143 10.83 -6.62 28.42
C GLY E 143 11.95 -7.48 28.95
N ARG E 144 13.10 -6.86 29.23
CA ARG E 144 14.25 -7.55 29.80
C ARG E 144 14.13 -7.68 31.34
N GLY E 145 13.04 -7.15 31.89
CA GLY E 145 12.78 -7.19 33.31
C GLY E 145 13.56 -6.16 34.10
N GLU E 146 14.05 -5.11 33.42
CA GLU E 146 14.92 -4.11 34.08
C GLU E 146 14.15 -3.04 34.81
N GLY E 147 12.89 -2.84 34.46
CA GLY E 147 12.11 -1.81 35.09
C GLY E 147 10.70 -1.83 34.60
N ILE E 148 9.91 -0.84 35.04
CA ILE E 148 8.52 -0.70 34.65
C ILE E 148 8.27 0.73 34.18
N ALA E 149 7.53 0.88 33.08
CA ALA E 149 7.17 2.20 32.59
C ALA E 149 5.70 2.34 32.65
N CYS E 150 5.19 3.56 32.74
CA CYS E 150 3.76 3.82 32.71
C CYS E 150 3.48 5.13 32.00
N GLU E 151 2.31 5.24 31.26
CA GLU E 151 1.80 6.47 30.64
C GLU E 151 0.39 6.69 31.09
N ALA E 152 -0.06 7.93 31.01
CA ALA E 152 -1.45 8.22 31.27
C ALA E 152 -1.83 9.43 30.44
N VAL E 153 -3.10 9.53 30.11
CA VAL E 153 -3.63 10.74 29.52
C VAL E 153 -4.76 11.16 30.42
N ALA E 154 -5.06 12.44 30.40
CA ALA E 154 -6.11 12.98 31.24
C ALA E 154 -6.79 14.10 30.51
N LEU E 155 -8.09 14.19 30.72
CA LEU E 155 -8.86 15.30 30.22
C LEU E 155 -9.42 16.04 31.44
N LEU E 156 -9.22 17.35 31.47
CA LEU E 156 -9.78 18.18 32.54
C LEU E 156 -10.82 19.12 31.97
N ILE E 157 -11.83 19.43 32.78
CA ILE E 157 -12.89 20.39 32.45
C ILE E 157 -12.83 21.61 33.40
N LYS E 158 -13.18 22.78 32.86
CA LYS E 158 -13.37 24.00 33.65
C LYS E 158 -14.67 24.70 33.24
N LEU F 1 -19.25 22.93 18.94
CA LEU F 1 -18.34 22.64 17.78
C LEU F 1 -17.12 21.78 18.19
N GLU F 2 -16.43 21.27 17.16
CA GLU F 2 -15.37 20.26 17.24
C GLU F 2 -14.26 20.43 18.28
N MET F 3 -13.89 19.31 18.90
CA MET F 3 -12.69 19.17 19.70
C MET F 3 -11.90 17.98 19.15
N ARG F 4 -10.63 18.21 18.78
CA ARG F 4 -9.80 17.16 18.19
C ARG F 4 -8.47 16.95 18.92
N ILE F 5 -8.10 15.68 19.03
CA ILE F 5 -6.94 15.25 19.77
C ILE F 5 -5.83 14.78 18.83
N GLY F 6 -4.58 14.94 19.27
CA GLY F 6 -3.42 14.57 18.49
C GLY F 6 -2.28 14.13 19.38
N HIS F 7 -1.43 13.26 18.85
CA HIS F 7 -0.31 12.71 19.58
C HIS F 7 0.91 12.69 18.68
N GLY F 8 2.07 13.01 19.24
CA GLY F 8 3.31 13.03 18.45
C GLY F 8 4.41 12.40 19.24
N PHE F 9 5.35 11.80 18.55
CA PHE F 9 6.46 11.15 19.20
C PHE F 9 7.66 11.26 18.27
N ASP F 10 8.83 11.58 18.81
CA ASP F 10 10.04 11.72 18.02
C ASP F 10 11.31 11.33 18.79
N VAL F 11 12.36 10.95 18.07
CA VAL F 11 13.61 10.56 18.69
C VAL F 11 14.75 11.08 17.83
N HIS F 12 15.78 11.68 18.45
CA HIS F 12 17.07 11.84 17.76
C HIS F 12 18.22 11.25 18.56
N ALA F 13 19.20 10.74 17.83
CA ALA F 13 20.41 10.21 18.47
C ALA F 13 21.43 11.34 18.65
N PHE F 14 22.17 11.28 19.75
CA PHE F 14 23.29 12.19 19.98
C PHE F 14 24.41 11.90 18.99
N GLY F 15 25.09 12.95 18.55
CA GLY F 15 26.30 12.80 17.77
C GLY F 15 26.86 14.18 17.45
N GLY F 16 28.16 14.24 17.21
CA GLY F 16 28.81 15.52 16.96
C GLY F 16 28.88 16.32 18.24
N GLU F 17 29.12 17.62 18.13
CA GLU F 17 29.28 18.48 19.31
C GLU F 17 28.02 19.29 19.65
N GLY F 18 27.92 19.67 20.93
CA GLY F 18 26.80 20.47 21.41
C GLY F 18 26.90 21.86 20.84
N PRO F 19 25.93 22.72 21.12
CA PRO F 19 24.79 22.42 22.01
C PRO F 19 23.64 21.74 21.25
N ILE F 20 22.55 21.48 21.93
CA ILE F 20 21.38 20.88 21.31
C ILE F 20 20.32 21.95 21.37
N ILE F 21 19.32 21.83 20.50
CA ILE F 21 18.18 22.74 20.49
C ILE F 21 16.97 21.92 20.88
N ILE F 22 16.30 22.32 21.96
CA ILE F 22 15.08 21.66 22.43
C ILE F 22 14.06 22.75 22.75
N GLY F 23 12.88 22.66 22.14
CA GLY F 23 11.83 23.65 22.38
C GLY F 23 12.25 25.03 21.89
N GLY F 24 13.17 25.04 20.92
CA GLY F 24 13.69 26.29 20.40
C GLY F 24 14.85 26.89 21.18
N VAL F 25 15.25 26.24 22.29
CA VAL F 25 16.27 26.76 23.21
C VAL F 25 17.65 26.08 23.03
N ARG F 26 18.67 26.89 22.78
CA ARG F 26 20.04 26.37 22.69
C ARG F 26 20.51 25.94 24.10
N ILE F 27 20.72 24.64 24.28
CA ILE F 27 21.08 24.06 25.58
C ILE F 27 22.47 23.44 25.51
N PRO F 28 23.39 23.93 26.36
CA PRO F 28 24.78 23.44 26.33
C PRO F 28 24.85 21.96 26.68
N TYR F 29 25.67 21.24 25.95
CA TYR F 29 25.84 19.82 26.18
C TYR F 29 27.08 19.38 25.43
N GLU F 30 27.68 18.29 25.90
CA GLU F 30 28.86 17.68 25.29
C GLU F 30 28.61 17.12 23.89
N LYS F 31 27.37 16.68 23.65
CA LYS F 31 27.01 16.10 22.35
C LYS F 31 25.93 16.95 21.70
N GLY F 32 25.87 16.90 20.38
CA GLY F 32 24.76 17.46 19.63
C GLY F 32 23.75 16.36 19.32
N LEU F 33 22.67 16.74 18.63
CA LEU F 33 21.70 15.78 18.10
C LEU F 33 21.86 15.67 16.59
N LEU F 34 22.03 14.46 16.08
CA LEU F 34 22.06 14.17 14.65
C LEU F 34 20.66 14.34 14.03
N ALA F 35 20.58 15.12 12.96
CA ALA F 35 19.35 15.33 12.20
C ALA F 35 19.60 16.01 10.85
N HIS F 36 18.59 15.91 9.98
CA HIS F 36 18.54 16.68 8.73
C HIS F 36 18.37 18.14 9.06
N SER F 37 17.36 18.44 9.86
CA SER F 37 17.10 19.80 10.31
C SER F 37 18.01 20.12 11.51
N ASP F 38 17.59 21.04 12.36
CA ASP F 38 18.32 21.42 13.61
C ASP F 38 18.19 20.40 14.74
N GLY F 39 17.26 19.45 14.60
CA GLY F 39 17.22 18.34 15.55
C GLY F 39 16.37 18.55 16.79
N ASP F 40 15.52 19.56 16.75
CA ASP F 40 14.66 19.88 17.86
C ASP F 40 13.60 18.80 18.08
N VAL F 41 13.99 17.75 18.80
CA VAL F 41 13.09 16.64 19.12
C VAL F 41 11.76 17.10 19.69
N ALA F 42 11.77 18.12 20.53
CA ALA F 42 10.55 18.51 21.23
C ALA F 42 9.57 19.18 20.26
N LEU F 43 10.11 19.97 19.34
CA LEU F 43 9.23 20.71 18.46
C LEU F 43 8.68 19.80 17.35
N HIS F 44 9.45 18.80 16.94
CA HIS F 44 8.98 17.79 15.99
C HIS F 44 7.80 17.00 16.54
N ALA F 45 7.91 16.47 17.77
CA ALA F 45 6.82 15.70 18.38
C ALA F 45 5.61 16.59 18.58
N LEU F 46 5.85 17.84 18.92
CA LEU F 46 4.76 18.79 19.10
C LEU F 46 4.07 19.05 17.77
N THR F 47 4.87 19.28 16.74
CA THR F 47 4.38 19.49 15.38
C THR F 47 3.52 18.29 14.91
N ASP F 48 4.01 17.07 15.14
CA ASP F 48 3.26 15.87 14.80
C ASP F 48 1.94 15.76 15.56
N ALA F 49 1.93 16.21 16.82
CA ALA F 49 0.72 16.21 17.62
C ALA F 49 -0.32 17.16 17.08
N LEU F 50 0.15 18.29 16.56
CA LEU F 50 -0.75 19.29 15.99
C LEU F 50 -1.28 18.90 14.60
N LEU F 51 -0.39 18.44 13.73
CA LEU F 51 -0.77 17.88 12.44
C LEU F 51 -1.72 16.67 12.59
N GLY F 52 -1.45 15.81 13.58
CA GLY F 52 -2.23 14.62 13.83
C GLY F 52 -3.64 14.98 14.24
N ALA F 53 -3.78 15.96 15.13
CA ALA F 53 -5.10 16.42 15.54
C ALA F 53 -5.89 17.00 14.37
N ALA F 54 -5.19 17.64 13.45
CA ALA F 54 -5.80 18.27 12.28
C ALA F 54 -5.95 17.30 11.11
N ALA F 55 -5.52 16.06 11.30
CA ALA F 55 -5.50 15.04 10.23
C ALA F 55 -4.76 15.53 8.99
N LEU F 56 -3.57 16.08 9.21
CA LEU F 56 -2.76 16.57 8.11
C LEU F 56 -1.57 15.68 7.89
N GLY F 57 -1.52 14.57 8.62
CA GLY F 57 -0.44 13.62 8.50
C GLY F 57 0.65 13.82 9.57
N ASP F 58 1.87 14.09 9.12
CA ASP F 58 3.05 14.24 9.99
C ASP F 58 4.16 15.12 9.34
N ILE F 59 5.16 15.52 10.12
CA ILE F 59 6.23 16.41 9.62
C ILE F 59 7.02 15.80 8.48
N GLY F 60 7.24 14.50 8.49
CA GLY F 60 7.96 13.84 7.41
C GLY F 60 7.17 13.78 6.11
N LYS F 61 5.92 14.19 6.15
CA LYS F 61 5.10 14.27 4.96
C LYS F 61 5.22 15.68 4.42
N LEU F 62 4.92 16.67 5.27
CA LEU F 62 5.04 18.08 4.92
C LEU F 62 6.49 18.48 4.59
N PHE F 63 7.45 17.97 5.34
CA PHE F 63 8.85 18.39 5.20
C PHE F 63 9.84 17.22 5.12
N PRO F 64 9.90 16.52 3.99
CA PRO F 64 10.73 15.31 3.85
C PRO F 64 12.22 15.52 4.20
N ASP F 65 12.77 14.60 5.01
CA ASP F 65 14.21 14.46 5.32
C ASP F 65 15.04 14.46 4.04
N THR F 66 14.33 14.31 2.94
CA THR F 66 14.90 13.86 1.71
C THR F 66 15.10 15.04 0.74
N ASP F 67 14.52 16.18 1.11
CA ASP F 67 14.53 17.41 0.31
C ASP F 67 15.55 18.36 0.93
N PRO F 68 16.57 18.74 0.15
CA PRO F 68 17.65 19.62 0.61
C PRO F 68 17.24 21.04 1.00
N ALA F 69 15.99 21.40 0.72
CA ALA F 69 15.43 22.70 1.14
C ALA F 69 15.29 22.81 2.66
N PHE F 70 15.22 21.66 3.34
CA PHE F 70 15.01 21.63 4.80
C PHE F 70 16.26 21.31 5.62
N LYS F 71 17.39 21.12 4.94
CA LYS F 71 18.68 20.91 5.60
C LYS F 71 18.97 22.06 6.57
N GLY F 72 19.17 21.71 7.85
CA GLY F 72 19.43 22.70 8.89
C GLY F 72 18.27 23.61 9.20
N ALA F 73 17.05 23.22 8.80
CA ALA F 73 15.93 24.14 9.01
C ALA F 73 15.71 24.43 10.50
N ASP F 74 15.29 25.64 10.78
CA ASP F 74 14.88 26.02 12.09
C ASP F 74 13.52 25.36 12.37
N SER F 75 13.47 24.38 13.29
CA SER F 75 12.25 23.65 13.63
C SER F 75 11.11 24.54 14.08
N ARG F 76 11.42 25.72 14.57
CA ARG F 76 10.39 26.72 14.85
C ARG F 76 9.71 27.24 13.57
N GLU F 77 10.47 27.27 12.47
CA GLU F 77 9.91 27.67 11.19
C GLU F 77 8.94 26.60 10.65
N LEU F 78 9.33 25.34 10.74
CA LEU F 78 8.43 24.25 10.38
C LEU F 78 7.17 24.25 11.25
N LEU F 79 7.35 24.51 12.54
CA LEU F 79 6.23 24.56 13.46
C LEU F 79 5.25 25.63 13.03
N ARG F 80 5.76 26.83 12.74
CA ARG F 80 4.89 27.95 12.34
C ARG F 80 4.20 27.67 11.00
N GLU F 81 4.89 26.97 10.10
CA GLU F 81 4.33 26.60 8.81
C GLU F 81 3.23 25.52 8.94
N ALA F 82 3.49 24.52 9.79
CA ALA F 82 2.49 23.51 10.13
C ALA F 82 1.27 24.19 10.74
N TRP F 83 1.51 25.18 11.59
CA TRP F 83 0.43 25.84 12.29
C TRP F 83 -0.42 26.74 11.37
N ARG F 84 0.21 27.38 10.38
CA ARG F 84 -0.51 28.12 9.34
C ARG F 84 -1.50 27.21 8.60
N ARG F 85 -1.04 26.03 8.21
CA ARG F 85 -1.83 25.09 7.46
C ARG F 85 -2.98 24.56 8.27
N ILE F 86 -2.76 24.40 9.57
CA ILE F 86 -3.76 23.86 10.49
C ILE F 86 -4.82 24.93 10.73
N GLN F 87 -4.38 26.16 10.90
CA GLN F 87 -5.28 27.28 11.09
C GLN F 87 -6.11 27.56 9.84
N ALA F 88 -5.52 27.39 8.66
CA ALA F 88 -6.25 27.58 7.41
C ALA F 88 -7.39 26.55 7.23
N LYS F 89 -7.39 25.52 8.06
CA LYS F 89 -8.40 24.47 8.02
C LYS F 89 -9.51 24.72 9.03
N GLY F 90 -9.41 25.82 9.78
CA GLY F 90 -10.45 26.21 10.73
C GLY F 90 -10.08 26.08 12.19
N TYR F 91 -8.92 25.47 12.49
CA TYR F 91 -8.59 25.16 13.87
C TYR F 91 -7.95 26.29 14.65
N THR F 92 -8.29 26.33 15.93
CA THR F 92 -7.62 27.17 16.91
C THR F 92 -7.06 26.26 17.99
N LEU F 93 -6.15 26.78 18.81
CA LEU F 93 -5.51 25.98 19.83
C LEU F 93 -6.36 25.85 21.09
N GLY F 94 -6.40 24.65 21.65
CA GLY F 94 -6.90 24.43 22.99
C GLY F 94 -5.71 24.47 23.91
N ASN F 95 -4.98 23.34 23.99
CA ASN F 95 -3.73 23.29 24.76
C ASN F 95 -2.77 22.20 24.26
N VAL F 96 -1.48 22.37 24.56
CA VAL F 96 -0.49 21.34 24.26
C VAL F 96 0.25 20.94 25.52
N ASP F 97 0.78 19.71 25.53
CA ASP F 97 1.52 19.19 26.66
C ASP F 97 2.65 18.34 26.11
N VAL F 98 3.87 18.66 26.52
CA VAL F 98 5.06 18.04 25.97
C VAL F 98 5.86 17.32 27.06
N THR F 99 6.42 16.18 26.71
CA THR F 99 7.21 15.42 27.64
C THR F 99 8.55 15.09 27.00
N ILE F 100 9.61 15.67 27.54
CA ILE F 100 10.96 15.38 27.07
C ILE F 100 11.48 14.23 27.90
N ILE F 101 12.04 13.25 27.23
CA ILE F 101 12.54 12.09 27.91
C ILE F 101 14.04 12.07 27.61
N ALA F 102 14.84 12.25 28.66
CA ALA F 102 16.28 12.46 28.53
C ALA F 102 16.97 12.24 29.86
N GLN F 103 18.11 11.56 29.81
CA GLN F 103 18.93 11.37 30.98
C GLN F 103 19.64 12.67 31.31
N ALA F 104 20.09 13.36 30.27
CA ALA F 104 20.85 14.62 30.34
C ALA F 104 20.80 15.25 28.94
N PRO F 105 21.00 16.57 28.79
CA PRO F 105 21.23 17.54 29.87
C PRO F 105 19.95 17.87 30.64
N LYS F 106 20.10 18.64 31.72
CA LYS F 106 18.95 19.09 32.53
C LYS F 106 18.10 20.08 31.76
N MET F 107 16.80 19.82 31.74
CA MET F 107 15.86 20.58 30.91
C MET F 107 15.10 21.61 31.71
N LEU F 108 14.97 21.35 33.00
CA LEU F 108 14.16 22.22 33.85
C LEU F 108 14.43 23.72 33.74
N PRO F 109 15.68 24.16 33.81
CA PRO F 109 15.94 25.61 33.75
C PRO F 109 15.47 26.25 32.44
N HIS F 110 15.39 25.45 31.37
CA HIS F 110 15.06 25.96 30.03
C HIS F 110 13.57 25.97 29.68
N ILE F 111 12.77 25.28 30.48
CA ILE F 111 11.35 25.09 30.15
C ILE F 111 10.57 26.41 30.00
N PRO F 112 10.74 27.35 30.93
CA PRO F 112 10.10 28.66 30.74
C PRO F 112 10.40 29.32 29.39
N GLN F 113 11.65 29.28 28.92
CA GLN F 113 11.97 29.90 27.64
C GLN F 113 11.32 29.12 26.48
N MET F 114 11.27 27.80 26.60
CA MET F 114 10.57 26.92 25.64
C MET F 114 9.12 27.33 25.49
N ARG F 115 8.47 27.56 26.61
CA ARG F 115 7.08 27.94 26.67
C ARG F 115 6.85 29.28 26.04
N VAL F 116 7.80 30.22 26.25
CA VAL F 116 7.72 31.54 25.59
C VAL F 116 7.73 31.35 24.06
N PHE F 117 8.68 30.57 23.56
CA PHE F 117 8.85 30.28 22.15
C PHE F 117 7.60 29.58 21.53
N ILE F 118 7.17 28.48 22.15
CA ILE F 118 6.01 27.73 21.67
C ILE F 118 4.76 28.60 21.65
N ALA F 119 4.48 29.31 22.76
CA ALA F 119 3.30 30.20 22.80
C ALA F 119 3.34 31.30 21.73
N GLU F 120 4.54 31.83 21.49
CA GLU F 120 4.71 32.81 20.43
C GLU F 120 4.45 32.22 19.05
N ASP F 121 5.00 31.03 18.81
CA ASP F 121 4.85 30.34 17.55
C ASP F 121 3.38 29.97 17.27
N LEU F 122 2.63 29.71 18.33
CA LEU F 122 1.26 29.24 18.17
C LEU F 122 0.23 30.35 18.40
N GLY F 123 0.72 31.56 18.66
CA GLY F 123 -0.14 32.71 18.87
C GLY F 123 -1.07 32.55 20.05
N CYS F 124 -0.67 31.74 21.02
CA CYS F 124 -1.47 31.53 22.22
C CYS F 124 -0.77 32.10 23.45
N HIS F 125 -1.42 31.99 24.60
CA HIS F 125 -0.80 32.37 25.86
C HIS F 125 0.01 31.20 26.42
N MET F 126 1.01 31.53 27.22
CA MET F 126 1.88 30.57 27.89
C MET F 126 1.09 29.49 28.65
N ASP F 127 -0.07 29.89 29.16
CA ASP F 127 -0.94 29.03 29.95
C ASP F 127 -1.56 27.87 29.16
N ASP F 128 -1.53 27.94 27.83
CA ASP F 128 -2.04 26.88 26.98
C ASP F 128 -0.90 25.93 26.58
N VAL F 129 0.27 26.11 27.17
CA VAL F 129 1.45 25.34 26.81
C VAL F 129 2.12 24.76 28.04
N ASN F 130 2.23 23.44 28.08
CA ASN F 130 2.96 22.80 29.15
C ASN F 130 4.12 21.98 28.61
N VAL F 131 5.26 22.09 29.28
CA VAL F 131 6.42 21.29 28.97
C VAL F 131 6.92 20.67 30.26
N LYS F 132 7.35 19.42 30.19
CA LYS F 132 7.86 18.72 31.35
C LYS F 132 8.95 17.80 30.86
N ALA F 133 9.80 17.36 31.77
CA ALA F 133 10.91 16.49 31.46
C ALA F 133 10.95 15.35 32.47
N THR F 134 11.40 14.18 32.03
CA THR F 134 11.67 13.08 32.94
C THR F 134 12.85 12.29 32.42
N THR F 135 13.50 11.51 33.29
CA THR F 135 14.52 10.58 32.84
C THR F 135 13.86 9.20 32.80
N THR F 136 14.58 8.21 32.27
CA THR F 136 14.16 6.80 32.43
C THR F 136 15.07 6.03 33.38
N GLU F 137 15.60 6.74 34.38
CA GLU F 137 16.39 6.16 35.47
C GLU F 137 17.47 5.26 34.95
N LYS F 138 18.15 5.75 33.91
CA LYS F 138 19.30 5.06 33.33
C LYS F 138 18.94 3.83 32.48
N LEU F 139 17.65 3.65 32.21
CA LEU F 139 17.20 2.50 31.43
C LEU F 139 16.91 2.87 29.97
N GLY F 140 17.19 1.93 29.07
CA GLY F 140 16.91 2.09 27.67
C GLY F 140 17.84 3.09 27.00
N PHE F 141 17.58 3.35 25.71
CA PHE F 141 18.48 4.20 24.90
C PHE F 141 18.62 5.63 25.44
N THR F 142 17.57 6.18 26.01
CA THR F 142 17.70 7.50 26.63
C THR F 142 18.51 7.40 27.91
N GLY F 143 18.28 6.32 28.66
CA GLY F 143 19.00 6.08 29.91
C GLY F 143 20.48 5.84 29.72
N ARG F 144 20.85 5.12 28.66
CA ARG F 144 22.27 4.97 28.34
C ARG F 144 22.83 6.26 27.69
N GLY F 145 22.05 7.34 27.61
CA GLY F 145 22.51 8.57 26.99
C GLY F 145 22.78 8.48 25.49
N GLU F 146 22.01 7.63 24.80
CA GLU F 146 22.19 7.42 23.36
C GLU F 146 21.39 8.44 22.54
N GLY F 147 20.34 8.99 23.15
CA GLY F 147 19.55 9.99 22.48
C GLY F 147 18.45 10.52 23.36
N ILE F 148 17.58 11.33 22.77
CA ILE F 148 16.49 11.98 23.50
C ILE F 148 15.17 11.66 22.77
N ALA F 149 14.12 11.43 23.55
CA ALA F 149 12.81 11.10 23.00
C ALA F 149 11.88 12.18 23.46
N CYS F 150 10.84 12.51 22.68
CA CYS F 150 9.82 13.45 23.11
C CYS F 150 8.43 12.99 22.68
N GLU F 151 7.42 13.17 23.55
CA GLU F 151 6.01 12.98 23.23
C GLU F 151 5.31 14.29 23.42
N ALA F 152 4.20 14.44 22.73
CA ALA F 152 3.36 15.58 22.90
C ALA F 152 1.94 15.11 22.65
N VAL F 153 1.00 15.76 23.32
CA VAL F 153 -0.39 15.64 22.96
C VAL F 153 -0.90 17.04 22.76
N ALA F 154 -1.90 17.16 21.90
CA ALA F 154 -2.52 18.43 21.59
C ALA F 154 -4.04 18.27 21.47
N LEU F 155 -4.72 19.36 21.81
CA LEU F 155 -6.15 19.47 21.67
C LEU F 155 -6.40 20.73 20.87
N LEU F 156 -7.07 20.58 19.73
CA LEU F 156 -7.49 21.70 18.89
C LEU F 156 -9.00 21.88 18.97
N ILE F 157 -9.44 23.10 18.66
CA ILE F 157 -10.84 23.45 18.64
C ILE F 157 -11.15 23.93 17.25
N LYS F 158 -12.22 23.41 16.63
CA LYS F 158 -12.67 23.92 15.34
C LYS F 158 -13.71 25.01 15.58
N ALA F 159 -14.90 24.71 15.76
#